data_6MQC
#
_entry.id   6MQC
#
_cell.length_a   73.122
_cell.length_b   72.898
_cell.length_c   169.305
_cell.angle_alpha   90.00
_cell.angle_beta   90.00
_cell.angle_gamma   90.00
#
_symmetry.space_group_name_H-M   'P 21 21 21'
#
loop_
_entity.id
_entity.type
_entity.pdbx_description
1 polymer '0PV-C.01 antibody Fab heavy chain'
2 polymer '0PV-C.01 antibody Fab light chain'
3 polymer 'HIV fusion peptide residue 512-519'
4 water water
#
loop_
_entity_poly.entity_id
_entity_poly.type
_entity_poly.pdbx_seq_one_letter_code
_entity_poly.pdbx_strand_id
1 'polypeptide(L)'
;QVQLVESGPGVVKPSETLSLTCVVSGGTPGRGFLYWSWVRQPPGKGLEWIGGTATNTDITDYNPSLKSRAAISKDTSRNQ
FLLNLKPLTAGDTAVYYCTSRAKDYRGPSYSRIDVWGPGVLVTVSSASTKGPSVFPLAPSSRSTSESTAALGCLVKDYFP
EPVTVSWNSGSLTSGVHTFPAVLQSSGLYSLSSVVTVPSSSLGTQTYVCNVNHKPSNTKVDKRVEIKTCG
;
A,H
2 'polypeptide(L)'
;DIVMTQTPLSLPVTPGEPASISCRSSQSLLDSDGNTCLDWFLQKPGQSPQLLIYDVSNRVSGVPDRFSGSGSDTDFTLKI
SRVEAEDVGVYYCMQFVEFPLTFGGGTKVEIRRTVAAPSVFIFPPSEDQVKSGTVSVVCLLNNFYPREASVKWKVDGALK
TGNSQESVTEQDSKDNTYSLSSTLTLSSTEYQSHKVYACEVTHQGLSSPVTKSFNRGEC
;
B,L
3 'polypeptide(L)' AVGIGAVF C,D
#
# COMPACT_ATOMS: atom_id res chain seq x y z
N GLN A 1 20.38 -35.68 17.46
CA GLN A 1 19.04 -35.74 16.90
C GLN A 1 17.99 -35.60 17.98
N VAL A 2 18.40 -35.72 19.25
CA VAL A 2 17.50 -35.27 20.31
C VAL A 2 17.48 -33.75 20.37
N GLN A 3 18.62 -33.09 20.11
CA GLN A 3 18.62 -31.63 20.22
C GLN A 3 19.68 -31.02 19.30
N LEU A 4 19.37 -29.84 18.77
CA LEU A 4 20.30 -29.03 17.99
C LEU A 4 20.39 -27.64 18.60
N VAL A 5 21.61 -27.15 18.80
CA VAL A 5 21.81 -25.82 19.40
C VAL A 5 22.72 -24.99 18.51
N GLU A 6 22.21 -23.86 18.00
CA GLU A 6 22.98 -22.93 17.18
C GLU A 6 23.62 -21.85 18.06
N SER A 7 24.79 -21.39 17.63
CA SER A 7 25.45 -20.27 18.27
C SER A 7 26.32 -19.53 17.25
N GLY A 8 26.56 -18.26 17.54
CA GLY A 8 27.38 -17.44 16.67
C GLY A 8 27.11 -15.97 16.90
N PRO A 9 27.90 -15.11 16.26
CA PRO A 9 27.74 -13.67 16.46
C PRO A 9 26.41 -13.18 15.93
N GLY A 10 25.80 -12.27 16.67
CA GLY A 10 24.51 -11.76 16.28
C GLY A 10 24.58 -10.64 15.28
N VAL A 11 25.71 -9.93 15.20
CA VAL A 11 25.85 -8.88 14.23
C VAL A 11 27.21 -9.08 13.57
N VAL A 12 27.26 -8.94 12.25
CA VAL A 12 28.52 -9.09 11.53
C VAL A 12 28.60 -7.96 10.52
N LYS A 13 29.78 -7.39 10.34
CA LYS A 13 29.90 -6.31 9.36
C LYS A 13 30.07 -6.87 7.95
N PRO A 14 29.75 -6.07 6.92
CA PRO A 14 29.72 -6.63 5.56
C PRO A 14 31.05 -7.17 5.06
N SER A 15 32.19 -6.65 5.53
CA SER A 15 33.49 -7.19 5.12
C SER A 15 33.91 -8.41 5.91
N GLU A 16 33.29 -8.67 7.06
CA GLU A 16 33.72 -9.73 7.96
C GLU A 16 33.14 -11.08 7.52
N THR A 17 33.34 -12.09 8.37
CA THR A 17 32.91 -13.45 8.10
C THR A 17 31.79 -13.82 9.06
N LEU A 18 30.73 -14.41 8.52
CA LEU A 18 29.65 -14.92 9.36
C LEU A 18 30.00 -16.37 9.70
N SER A 19 30.12 -16.67 10.99
CA SER A 19 30.53 -17.99 11.45
C SER A 19 29.49 -18.51 12.43
N LEU A 20 28.94 -19.68 12.13
CA LEU A 20 27.92 -20.29 12.97
C LEU A 20 28.29 -21.72 13.31
N THR A 21 27.98 -22.12 14.54
CA THR A 21 28.22 -23.46 15.04
C THR A 21 26.89 -24.10 15.42
N CYS A 22 26.73 -25.38 15.09
CA CYS A 22 25.56 -26.15 15.49
C CYS A 22 26.06 -27.37 16.23
N VAL A 23 25.61 -27.53 17.47
CA VAL A 23 26.00 -28.62 18.34
C VAL A 23 24.85 -29.61 18.39
N VAL A 24 25.15 -30.86 18.04
CA VAL A 24 24.17 -31.93 17.92
C VAL A 24 24.24 -32.81 19.17
N SER A 25 23.11 -32.93 19.86
CA SER A 25 22.97 -33.86 20.97
C SER A 25 22.20 -35.05 20.40
N GLY A 26 22.89 -36.20 20.32
CA GLY A 26 22.34 -37.38 19.69
C GLY A 26 21.33 -38.12 20.54
N GLY A 27 20.69 -39.09 19.91
CA GLY A 27 19.68 -39.88 20.58
C GLY A 27 20.00 -41.36 20.60
N THR A 28 18.95 -42.17 20.56
CA THR A 28 19.11 -43.61 20.67
C THR A 28 19.98 -44.15 19.53
N PRO A 29 20.81 -45.16 19.78
CA PRO A 29 21.76 -45.60 18.76
C PRO A 29 21.06 -46.16 17.52
N GLY A 30 21.79 -46.14 16.42
CA GLY A 30 21.32 -46.69 15.16
C GLY A 30 22.48 -46.81 14.20
N ARG A 31 22.23 -47.55 13.13
CA ARG A 31 23.21 -47.73 12.07
C ARG A 31 22.81 -46.87 10.87
N GLY A 32 23.81 -46.37 10.15
CA GLY A 32 23.58 -45.53 8.98
C GLY A 32 24.15 -44.13 9.19
N PHE A 33 23.40 -43.13 8.72
CA PHE A 33 23.94 -41.78 8.71
C PHE A 33 22.80 -40.77 8.71
N LEU A 34 23.13 -39.54 9.05
CA LEU A 34 22.19 -38.43 9.03
C LEU A 34 22.63 -37.42 7.98
N TYR A 35 21.71 -36.56 7.58
CA TYR A 35 22.06 -35.43 6.72
C TYR A 35 21.81 -34.14 7.48
N TRP A 36 22.83 -33.30 7.56
CA TRP A 36 22.78 -32.04 8.29
C TRP A 36 22.80 -30.87 7.31
N SER A 37 21.85 -29.94 7.49
CA SER A 37 21.72 -28.82 6.56
C SER A 37 21.65 -27.49 7.31
N TRP A 38 22.02 -26.43 6.60
CA TRP A 38 21.78 -25.06 7.02
C TRP A 38 20.66 -24.48 6.16
N VAL A 39 19.71 -23.82 6.81
CA VAL A 39 18.57 -23.19 6.14
C VAL A 39 18.43 -21.79 6.72
N ARG A 40 18.12 -20.81 5.88
CA ARG A 40 17.99 -19.46 6.40
C ARG A 40 16.66 -18.85 6.00
N GLN A 41 16.24 -17.87 6.81
CA GLN A 41 14.96 -17.20 6.65
C GLN A 41 15.16 -15.70 6.85
N PRO A 42 15.14 -14.90 5.79
CA PRO A 42 15.20 -13.45 5.99
C PRO A 42 13.94 -12.96 6.68
N PRO A 43 14.03 -11.85 7.44
CA PRO A 43 12.85 -11.37 8.19
C PRO A 43 11.62 -11.24 7.32
N GLY A 44 10.55 -11.95 7.71
CA GLY A 44 9.29 -11.91 7.00
C GLY A 44 9.28 -12.61 5.66
N LYS A 45 10.29 -13.43 5.36
CA LYS A 45 10.39 -14.10 4.07
C LYS A 45 10.41 -15.62 4.28
N GLY A 46 10.63 -16.34 3.18
CA GLY A 46 10.57 -17.79 3.17
C GLY A 46 11.89 -18.44 3.54
N LEU A 47 11.92 -19.77 3.39
CA LEU A 47 13.09 -20.57 3.70
C LEU A 47 13.96 -20.78 2.46
N GLU A 48 15.28 -20.75 2.67
CA GLU A 48 16.25 -21.03 1.62
C GLU A 48 17.27 -22.04 2.14
N TRP A 49 17.46 -23.13 1.40
CA TRP A 49 18.46 -24.13 1.76
C TRP A 49 19.83 -23.63 1.34
N ILE A 50 20.75 -23.57 2.30
CA ILE A 50 22.10 -23.07 2.04
C ILE A 50 23.03 -24.18 1.57
N GLY A 51 23.02 -25.28 2.30
CA GLY A 51 23.86 -26.42 1.95
C GLY A 51 23.79 -27.44 3.06
N GLY A 52 24.53 -28.51 2.88
CA GLY A 52 24.51 -29.56 3.87
C GLY A 52 25.53 -30.63 3.56
N THR A 53 25.50 -31.67 4.39
CA THR A 53 26.45 -32.77 4.27
C THR A 53 25.92 -33.98 5.03
N ALA A 54 26.23 -35.16 4.51
CA ALA A 54 25.97 -36.39 5.24
C ALA A 54 27.05 -36.60 6.31
N THR A 55 26.65 -37.21 7.41
CA THR A 55 27.58 -37.40 8.54
C THR A 55 28.68 -38.38 8.27
N ASN A 56 28.57 -39.21 7.22
CA ASN A 56 29.54 -40.28 7.02
C ASN A 56 30.68 -39.86 6.12
N THR A 57 30.55 -38.69 5.51
CA THR A 57 31.44 -38.25 4.46
C THR A 57 31.99 -36.86 4.77
N ASP A 58 32.96 -36.43 3.95
CA ASP A 58 33.47 -35.08 4.05
C ASP A 58 33.11 -34.22 2.84
N ILE A 59 32.12 -34.60 2.04
CA ILE A 59 31.74 -33.83 0.85
C ILE A 59 30.48 -33.06 1.19
N THR A 60 30.45 -31.78 0.81
CA THR A 60 29.35 -30.88 1.09
C THR A 60 28.61 -30.52 -0.18
N ASP A 61 27.28 -30.44 -0.08
CA ASP A 61 26.45 -30.00 -1.18
C ASP A 61 26.05 -28.57 -0.90
N TYR A 62 26.05 -27.74 -1.94
CA TYR A 62 25.82 -26.31 -1.78
C TYR A 62 24.72 -25.85 -2.73
N ASN A 63 23.97 -24.86 -2.28
CA ASN A 63 23.01 -24.17 -3.14
C ASN A 63 23.76 -23.24 -4.09
N PRO A 64 23.61 -23.38 -5.41
CA PRO A 64 24.31 -22.48 -6.33
C PRO A 64 23.95 -21.02 -6.15
N SER A 65 22.76 -20.71 -5.63
CA SER A 65 22.37 -19.31 -5.44
C SER A 65 23.26 -18.60 -4.48
N LEU A 66 24.13 -19.32 -3.79
CA LEU A 66 24.88 -18.73 -2.71
C LEU A 66 26.31 -18.35 -3.18
N LYS A 67 26.54 -18.47 -4.49
CA LYS A 67 27.68 -17.88 -5.22
C LYS A 67 29.02 -18.37 -4.69
N SER A 68 29.06 -19.59 -4.13
CA SER A 68 30.25 -20.19 -3.56
C SER A 68 30.80 -19.36 -2.39
N ARG A 69 29.95 -18.56 -1.75
CA ARG A 69 30.34 -17.82 -0.56
C ARG A 69 30.23 -18.64 0.70
N ALA A 70 29.56 -19.79 0.65
CA ALA A 70 29.33 -20.61 1.83
C ALA A 70 30.33 -21.75 1.91
N ALA A 71 30.78 -22.04 3.13
CA ALA A 71 31.66 -23.15 3.42
C ALA A 71 31.12 -23.87 4.64
N ILE A 72 30.72 -25.13 4.45
CA ILE A 72 30.07 -25.92 5.49
C ILE A 72 30.97 -27.10 5.81
N SER A 73 31.16 -27.38 7.10
CA SER A 73 32.00 -28.51 7.51
C SER A 73 31.40 -29.19 8.71
N LYS A 74 32.00 -30.31 9.11
CA LYS A 74 31.48 -31.06 10.24
C LYS A 74 32.61 -31.76 10.98
N ASP A 75 32.32 -32.13 12.23
CA ASP A 75 33.20 -32.96 13.02
C ASP A 75 32.32 -33.79 13.95
N THR A 76 32.20 -35.09 13.71
CA THR A 76 31.39 -35.92 14.60
C THR A 76 32.07 -36.10 15.96
N SER A 77 33.40 -36.01 16.01
CA SER A 77 34.12 -36.09 17.28
C SER A 77 33.88 -34.85 18.13
N ARG A 78 33.55 -33.72 17.50
CA ARG A 78 33.26 -32.46 18.17
C ARG A 78 31.79 -32.21 18.20
N ASN A 79 31.04 -33.26 17.92
CA ASN A 79 29.62 -33.35 17.61
C ASN A 79 29.12 -32.00 17.10
N GLN A 80 29.79 -31.44 16.09
CA GLN A 80 29.37 -30.14 15.60
C GLN A 80 29.38 -30.09 14.08
N PHE A 81 28.66 -29.11 13.54
CA PHE A 81 28.91 -28.76 12.15
C PHE A 81 28.72 -27.26 12.00
N LEU A 82 29.41 -26.71 11.02
CA LEU A 82 29.72 -25.29 10.96
C LEU A 82 29.35 -24.71 9.61
N LEU A 83 29.02 -23.41 9.64
CA LEU A 83 28.74 -22.60 8.47
C LEU A 83 29.64 -21.38 8.51
N ASN A 84 30.31 -21.09 7.39
CA ASN A 84 31.09 -19.87 7.23
C ASN A 84 30.62 -19.18 5.96
N LEU A 85 30.40 -17.87 6.05
CA LEU A 85 29.86 -17.09 4.95
C LEU A 85 30.69 -15.82 4.79
N LYS A 86 31.20 -15.60 3.59
CA LYS A 86 31.99 -14.42 3.28
C LYS A 86 32.22 -14.36 1.77
N PRO A 87 32.09 -13.17 1.14
CA PRO A 87 31.73 -11.87 1.74
C PRO A 87 30.23 -11.78 2.01
N LEU A 88 29.80 -10.68 2.62
CA LEU A 88 28.43 -10.54 3.07
C LEU A 88 27.77 -9.31 2.45
N THR A 89 26.46 -9.37 2.40
CA THR A 89 25.60 -8.28 1.97
C THR A 89 24.48 -8.13 2.98
N ALA A 90 23.86 -6.95 3.00
CA ALA A 90 22.69 -6.74 3.87
C ALA A 90 21.61 -7.78 3.59
N GLY A 91 21.58 -8.33 2.38
CA GLY A 91 20.63 -9.37 2.02
C GLY A 91 20.84 -10.69 2.73
N ASP A 92 21.92 -10.84 3.49
CA ASP A 92 22.20 -12.04 4.25
C ASP A 92 21.73 -11.96 5.71
N THR A 93 21.17 -10.83 6.13
CA THR A 93 20.51 -10.75 7.42
C THR A 93 19.36 -11.75 7.45
N ALA A 94 19.37 -12.67 8.42
CA ALA A 94 18.36 -13.72 8.45
C ALA A 94 18.48 -14.50 9.74
N VAL A 95 17.42 -15.25 10.05
CA VAL A 95 17.52 -16.31 11.04
C VAL A 95 18.11 -17.54 10.37
N TYR A 96 19.17 -18.09 10.96
CA TYR A 96 19.84 -19.26 10.42
C TYR A 96 19.53 -20.46 11.30
N TYR A 97 19.08 -21.55 10.68
CA TYR A 97 18.70 -22.79 11.32
C TYR A 97 19.65 -23.90 10.86
N CYS A 98 20.00 -24.79 11.79
CA CYS A 98 20.57 -26.06 11.41
C CYS A 98 19.53 -27.16 11.58
N THR A 99 19.59 -28.16 10.70
CA THR A 99 18.59 -29.22 10.62
C THR A 99 19.29 -30.56 10.47
N SER A 100 18.64 -31.61 10.98
CA SER A 100 19.10 -32.98 10.81
C SER A 100 17.93 -33.84 10.33
N ARG A 101 18.15 -34.58 9.23
CA ARG A 101 17.11 -35.38 8.60
C ARG A 101 17.61 -36.78 8.32
N ALA A 102 16.70 -37.75 8.49
CA ALA A 102 16.96 -39.14 8.09
C ALA A 102 15.66 -39.91 7.98
N LYS A 103 15.64 -40.88 7.07
CA LYS A 103 14.60 -41.88 7.09
C LYS A 103 14.91 -42.88 8.20
N ASP A 104 13.92 -43.20 9.02
CA ASP A 104 14.11 -44.02 10.21
C ASP A 104 13.43 -45.36 9.98
N TYR A 105 14.25 -46.41 9.84
CA TYR A 105 13.79 -47.77 9.62
C TYR A 105 13.91 -48.63 10.86
N ARG A 106 14.23 -48.04 12.02
CA ARG A 106 14.45 -48.84 13.22
C ARG A 106 13.16 -49.35 13.83
N GLY A 107 12.02 -48.79 13.48
CA GLY A 107 10.78 -49.17 14.09
C GLY A 107 10.04 -50.18 13.23
N PRO A 108 8.86 -50.61 13.67
CA PRO A 108 8.08 -51.53 12.83
C PRO A 108 7.59 -50.88 11.55
N SER A 109 7.40 -49.56 11.55
CA SER A 109 6.98 -48.81 10.37
C SER A 109 8.04 -47.77 10.03
N TYR A 110 8.13 -47.46 8.74
CA TYR A 110 8.99 -46.39 8.25
C TYR A 110 8.55 -45.06 8.86
N SER A 111 9.52 -44.31 9.40
CA SER A 111 9.22 -43.01 10.00
C SER A 111 10.34 -42.04 9.64
N ARG A 112 10.34 -40.87 10.26
CA ARG A 112 11.32 -39.84 9.95
C ARG A 112 11.99 -39.33 11.22
N ILE A 113 13.27 -39.00 11.07
CA ILE A 113 14.00 -38.14 11.99
C ILE A 113 14.10 -36.78 11.32
N ASP A 114 13.61 -35.75 12.00
CA ASP A 114 13.59 -34.39 11.44
C ASP A 114 13.67 -33.43 12.61
N VAL A 115 14.84 -32.81 12.79
CA VAL A 115 15.10 -31.96 13.94
C VAL A 115 15.63 -30.61 13.46
N TRP A 116 15.16 -29.54 14.09
CA TRP A 116 15.61 -28.19 13.78
C TRP A 116 16.13 -27.53 15.06
N GLY A 117 17.22 -26.78 14.93
CA GLY A 117 17.66 -25.91 15.99
C GLY A 117 16.71 -24.74 16.16
N PRO A 118 16.85 -24.00 17.27
CA PRO A 118 15.99 -22.82 17.47
C PRO A 118 16.28 -21.69 16.49
N GLY A 119 17.42 -21.69 15.83
CA GLY A 119 17.74 -20.59 14.92
C GLY A 119 18.42 -19.44 15.64
N VAL A 120 19.28 -18.74 14.90
CA VAL A 120 19.97 -17.56 15.43
C VAL A 120 19.82 -16.43 14.42
N LEU A 121 19.34 -15.27 14.89
CA LEU A 121 19.23 -14.11 14.02
C LEU A 121 20.61 -13.50 13.85
N VAL A 122 21.02 -13.29 12.60
CA VAL A 122 22.29 -12.65 12.27
C VAL A 122 21.96 -11.43 11.41
N THR A 123 22.37 -10.26 11.89
CA THR A 123 22.20 -9.01 11.17
C THR A 123 23.55 -8.58 10.61
N VAL A 124 23.58 -8.34 9.30
CA VAL A 124 24.76 -7.84 8.60
C VAL A 124 24.58 -6.33 8.37
N SER A 125 25.45 -5.52 8.96
CA SER A 125 25.28 -4.07 8.82
C SER A 125 26.57 -3.37 9.24
N SER A 126 26.87 -2.28 8.55
CA SER A 126 28.02 -1.44 8.90
C SER A 126 27.70 -0.43 9.98
N ALA A 127 26.46 -0.37 10.44
CA ALA A 127 26.09 0.60 11.45
C ALA A 127 26.83 0.33 12.75
N SER A 128 27.07 1.38 13.51
CA SER A 128 27.73 1.25 14.79
C SER A 128 26.68 1.08 15.89
N THR A 129 27.07 0.39 16.95
CA THR A 129 26.20 0.27 18.11
C THR A 129 25.81 1.65 18.62
N LYS A 130 24.52 1.85 18.82
CA LYS A 130 24.00 3.14 19.29
C LYS A 130 22.78 2.89 20.15
N GLY A 131 22.73 3.54 21.31
CA GLY A 131 21.61 3.46 22.20
C GLY A 131 20.42 4.22 21.66
N PRO A 132 19.21 3.85 22.10
CA PRO A 132 18.01 4.50 21.58
C PRO A 132 17.71 5.81 22.27
N SER A 133 17.07 6.71 21.53
CA SER A 133 16.46 7.89 22.11
C SER A 133 15.00 7.56 22.41
N VAL A 134 14.57 7.81 23.63
CA VAL A 134 13.25 7.41 24.12
C VAL A 134 12.44 8.68 24.36
N PHE A 135 11.29 8.78 23.69
CA PHE A 135 10.40 9.92 23.84
C PHE A 135 9.01 9.46 24.28
N PRO A 136 8.35 10.22 25.14
CA PRO A 136 7.00 9.84 25.56
C PRO A 136 5.98 10.12 24.48
N LEU A 137 4.91 9.31 24.47
CA LEU A 137 3.77 9.47 23.57
C LEU A 137 2.57 9.71 24.46
N ALA A 138 2.17 10.97 24.56
CA ALA A 138 1.11 11.43 25.45
C ALA A 138 -0.21 11.56 24.70
N PRO A 139 -1.30 11.19 25.37
CA PRO A 139 -2.63 11.32 24.77
C PRO A 139 -2.86 12.69 24.16
N SER A 140 -3.48 12.71 22.98
CA SER A 140 -3.74 13.93 22.24
C SER A 140 -4.70 14.84 23.01
N SER A 145 -11.25 10.37 21.83
CA SER A 145 -10.82 9.71 23.05
C SER A 145 -11.44 10.37 24.29
N GLU A 146 -12.43 9.71 24.87
CA GLU A 146 -13.06 10.17 26.10
C GLU A 146 -13.28 9.04 27.11
N SER A 147 -13.60 7.83 26.65
CA SER A 147 -13.77 6.71 27.57
C SER A 147 -12.45 6.09 28.00
N THR A 148 -11.58 5.76 27.03
CA THR A 148 -10.29 5.13 27.29
C THR A 148 -9.22 5.93 26.57
N ALA A 149 -8.03 5.99 27.16
CA ALA A 149 -6.89 6.70 26.59
C ALA A 149 -5.77 5.72 26.28
N ALA A 150 -4.87 6.18 25.43
CA ALA A 150 -3.68 5.42 25.04
C ALA A 150 -2.43 6.24 25.31
N LEU A 151 -1.38 5.54 25.77
CA LEU A 151 -0.11 6.16 26.06
C LEU A 151 0.94 5.31 25.33
N GLY A 152 2.13 5.87 25.19
CA GLY A 152 3.19 5.02 24.69
C GLY A 152 4.55 5.62 24.89
N CYS A 153 5.52 4.96 24.29
CA CYS A 153 6.91 5.37 24.24
C CYS A 153 7.48 5.05 22.87
N LEU A 154 8.18 6.00 22.29
CA LEU A 154 8.87 5.84 21.02
C LEU A 154 10.35 5.63 21.31
N VAL A 155 10.89 4.49 20.87
CA VAL A 155 12.31 4.17 21.05
C VAL A 155 12.94 4.15 19.66
N LYS A 156 13.75 5.17 19.37
CA LYS A 156 14.17 5.43 17.99
C LYS A 156 15.68 5.53 17.86
N ASP A 157 16.17 5.12 16.68
CA ASP A 157 17.56 5.31 16.26
C ASP A 157 18.51 4.55 17.18
N TYR A 158 18.30 3.24 17.24
CA TYR A 158 19.19 2.34 17.96
C TYR A 158 19.69 1.26 17.00
N PHE A 159 20.79 0.63 17.41
CA PHE A 159 21.35 -0.49 16.65
C PHE A 159 22.27 -1.28 17.56
N PRO A 160 22.24 -2.62 17.50
CA PRO A 160 21.32 -3.41 16.68
C PRO A 160 20.09 -3.85 17.46
N GLU A 161 19.28 -4.71 16.84
CA GLU A 161 18.24 -5.42 17.56
C GLU A 161 18.88 -6.37 18.57
N PRO A 162 18.16 -6.70 19.67
CA PRO A 162 16.83 -6.22 20.01
C PRO A 162 16.82 -5.17 21.11
N VAL A 163 15.65 -4.58 21.33
CA VAL A 163 15.37 -3.80 22.53
C VAL A 163 14.17 -4.44 23.22
N THR A 164 14.15 -4.34 24.54
CA THR A 164 13.02 -4.82 25.33
C THR A 164 12.33 -3.64 26.02
N VAL A 165 11.00 -3.67 26.06
CA VAL A 165 10.20 -2.61 26.65
C VAL A 165 9.21 -3.24 27.62
N SER A 166 9.16 -2.70 28.83
CA SER A 166 8.15 -3.09 29.82
C SER A 166 7.47 -1.82 30.32
N TRP A 167 6.35 -2.00 31.02
CA TRP A 167 5.61 -0.87 31.58
C TRP A 167 5.49 -1.05 33.08
N ASN A 168 5.82 0.00 33.82
CA ASN A 168 5.81 -0.01 35.29
C ASN A 168 6.57 -1.21 35.84
N SER A 169 7.81 -1.37 35.39
CA SER A 169 8.71 -2.42 35.86
C SER A 169 8.08 -3.81 35.69
N GLY A 170 7.36 -4.00 34.58
CA GLY A 170 6.70 -5.26 34.32
C GLY A 170 5.38 -5.46 35.03
N SER A 171 4.94 -4.51 35.85
CA SER A 171 3.67 -4.68 36.56
C SER A 171 2.48 -4.53 35.63
N LEU A 172 2.63 -3.79 34.53
CA LEU A 172 1.54 -3.52 33.59
C LEU A 172 1.77 -4.34 32.33
N THR A 173 0.85 -5.27 32.04
CA THR A 173 0.99 -6.14 30.88
C THR A 173 -0.27 -6.15 30.03
N SER A 174 -1.43 -5.94 30.64
CA SER A 174 -2.69 -5.98 29.90
C SER A 174 -2.84 -4.76 29.01
N GLY A 175 -3.14 -5.00 27.73
CA GLY A 175 -3.30 -3.92 26.79
C GLY A 175 -2.02 -3.36 26.20
N VAL A 176 -0.88 -3.99 26.48
CA VAL A 176 0.40 -3.53 25.96
C VAL A 176 0.61 -4.12 24.56
N HIS A 177 0.99 -3.26 23.62
CA HIS A 177 1.43 -3.69 22.29
C HIS A 177 2.78 -3.06 22.02
N THR A 178 3.82 -3.88 21.88
CA THR A 178 5.12 -3.41 21.46
C THR A 178 5.33 -3.83 20.01
N PHE A 179 5.48 -2.83 19.13
CA PHE A 179 5.47 -3.10 17.70
C PHE A 179 6.83 -3.59 17.23
N PRO A 180 6.85 -4.43 16.18
CA PRO A 180 8.13 -4.83 15.58
C PRO A 180 8.91 -3.62 15.11
N ALA A 181 10.23 -3.68 15.25
CA ALA A 181 11.08 -2.58 14.82
C ALA A 181 11.08 -2.44 13.31
N VAL A 182 11.31 -1.21 12.85
CA VAL A 182 11.48 -0.93 11.43
C VAL A 182 12.89 -0.40 11.22
N LEU A 183 13.55 -0.91 10.17
CA LEU A 183 14.87 -0.44 9.81
C LEU A 183 14.76 0.88 9.06
N GLN A 184 15.39 1.93 9.59
CA GLN A 184 15.37 3.21 8.92
C GLN A 184 16.44 3.23 7.82
N SER A 185 16.27 4.19 6.90
CA SER A 185 17.28 4.39 5.86
C SER A 185 18.64 4.75 6.42
N SER A 186 18.68 5.24 7.67
CA SER A 186 19.93 5.55 8.35
C SER A 186 20.67 4.30 8.81
N GLY A 187 20.04 3.13 8.76
CA GLY A 187 20.62 1.91 9.27
C GLY A 187 20.30 1.61 10.71
N LEU A 188 19.55 2.48 11.38
CA LEU A 188 19.12 2.26 12.75
C LEU A 188 17.66 1.79 12.78
N TYR A 189 17.24 1.34 13.96
CA TYR A 189 15.89 0.80 14.16
C TYR A 189 15.06 1.74 15.02
N SER A 190 13.75 1.70 14.81
CA SER A 190 12.83 2.44 15.64
C SER A 190 11.56 1.62 15.83
N LEU A 191 10.98 1.72 17.02
CA LEU A 191 9.70 1.10 17.29
C LEU A 191 8.96 1.95 18.31
N SER A 192 7.70 1.60 18.52
CA SER A 192 6.88 2.19 19.57
C SER A 192 6.25 1.08 20.40
N SER A 193 6.03 1.39 21.67
CA SER A 193 5.26 0.53 22.56
C SER A 193 4.10 1.36 23.11
N VAL A 194 2.90 0.78 23.11
CA VAL A 194 1.70 1.50 23.53
C VAL A 194 0.94 0.67 24.53
N VAL A 195 0.07 1.33 25.27
CA VAL A 195 -0.85 0.66 26.19
C VAL A 195 -2.11 1.52 26.32
N THR A 196 -3.26 0.85 26.38
CA THR A 196 -4.54 1.52 26.58
C THR A 196 -5.01 1.34 28.01
N VAL A 197 -5.44 2.43 28.64
CA VAL A 197 -5.90 2.43 30.03
C VAL A 197 -7.16 3.27 30.13
N PRO A 198 -7.97 3.07 31.17
CA PRO A 198 -9.09 3.99 31.40
C PRO A 198 -8.57 5.39 31.70
N SER A 199 -9.18 6.38 31.04
CA SER A 199 -8.74 7.76 31.21
C SER A 199 -8.89 8.23 32.65
N SER A 200 -9.88 7.70 33.36
CA SER A 200 -10.08 8.09 34.76
C SER A 200 -8.86 7.76 35.61
N SER A 201 -8.08 6.77 35.21
CA SER A 201 -6.88 6.40 35.96
C SER A 201 -5.69 7.31 35.67
N LEU A 202 -5.81 8.23 34.70
CA LEU A 202 -4.67 9.05 34.30
C LEU A 202 -4.20 9.95 35.44
N GLY A 203 -5.11 10.38 36.33
CA GLY A 203 -4.70 11.24 37.42
C GLY A 203 -4.16 10.49 38.62
N THR A 204 -4.54 9.23 38.79
CA THR A 204 -4.18 8.46 39.97
C THR A 204 -3.02 7.50 39.73
N GLN A 205 -2.87 6.95 38.53
CA GLN A 205 -1.83 5.98 38.24
C GLN A 205 -0.69 6.64 37.49
N THR A 206 0.54 6.28 37.85
CA THR A 206 1.73 6.69 37.11
C THR A 206 2.07 5.62 36.09
N TYR A 207 2.49 6.05 34.90
CA TYR A 207 2.85 5.14 33.81
C TYR A 207 4.27 5.43 33.36
N VAL A 208 5.14 4.42 33.50
CA VAL A 208 6.53 4.55 33.13
C VAL A 208 6.87 3.42 32.16
N CYS A 209 7.56 3.75 31.09
CA CYS A 209 8.09 2.73 30.19
C CYS A 209 9.57 2.52 30.48
N ASN A 210 9.96 1.25 30.58
CA ASN A 210 11.32 0.81 30.86
C ASN A 210 11.89 0.19 29.60
N VAL A 211 12.94 0.79 29.07
CA VAL A 211 13.56 0.40 27.81
C VAL A 211 14.97 -0.11 28.10
N ASN A 212 15.27 -1.30 27.60
CA ASN A 212 16.56 -1.96 27.82
C ASN A 212 17.13 -2.36 26.47
N HIS A 213 18.29 -1.78 26.12
CA HIS A 213 19.04 -2.11 24.91
C HIS A 213 20.42 -2.57 25.34
N LYS A 214 20.61 -3.88 25.47
CA LYS A 214 21.86 -4.41 26.00
C LYS A 214 23.06 -4.28 25.06
N PRO A 215 22.89 -4.37 23.73
CA PRO A 215 24.07 -4.17 22.86
C PRO A 215 24.77 -2.85 23.07
N SER A 216 24.05 -1.80 23.47
CA SER A 216 24.64 -0.52 23.80
C SER A 216 24.67 -0.27 25.30
N ASN A 217 24.21 -1.24 26.10
CA ASN A 217 24.16 -1.12 27.55
C ASN A 217 23.39 0.13 27.98
N THR A 218 22.24 0.34 27.36
CA THR A 218 21.39 1.50 27.62
C THR A 218 20.13 1.06 28.35
N LYS A 219 19.79 1.77 29.43
CA LYS A 219 18.57 1.55 30.17
C LYS A 219 17.93 2.90 30.45
N VAL A 220 16.69 3.07 30.02
CA VAL A 220 15.96 4.32 30.19
C VAL A 220 14.60 4.03 30.79
N ASP A 221 14.16 4.89 31.70
CA ASP A 221 12.79 4.89 32.20
C ASP A 221 12.19 6.27 31.95
N LYS A 222 11.09 6.34 31.20
CA LYS A 222 10.39 7.60 30.98
C LYS A 222 8.99 7.55 31.58
N ARG A 223 8.67 8.56 32.39
CA ARG A 223 7.30 8.80 32.81
C ARG A 223 6.50 9.39 31.67
N VAL A 224 5.28 8.89 31.48
CA VAL A 224 4.37 9.40 30.46
C VAL A 224 3.12 9.93 31.17
N GLU A 225 2.95 11.24 31.18
CA GLU A 225 1.78 11.86 31.81
C GLU A 225 1.13 12.84 30.85
N ILE A 226 -0.11 13.20 31.16
CA ILE A 226 -0.84 14.19 30.38
C ILE A 226 -0.65 15.58 30.97
N ASP B 1 17.36 -25.18 -10.90
CA ASP B 1 16.63 -25.44 -9.66
C ASP B 1 15.17 -25.76 -9.95
N ILE B 2 14.59 -26.63 -9.15
CA ILE B 2 13.15 -26.91 -9.24
C ILE B 2 12.39 -25.79 -8.56
N VAL B 3 11.41 -25.24 -9.26
CA VAL B 3 10.64 -24.11 -8.75
C VAL B 3 9.40 -24.64 -8.05
N MET B 4 9.20 -24.22 -6.80
CA MET B 4 8.04 -24.61 -6.01
C MET B 4 7.14 -23.39 -5.86
N THR B 5 5.89 -23.52 -6.28
CA THR B 5 4.91 -22.45 -6.18
C THR B 5 3.82 -22.90 -5.24
N GLN B 6 3.50 -22.06 -4.26
CA GLN B 6 2.57 -22.39 -3.20
C GLN B 6 1.46 -21.35 -3.16
N THR B 7 0.21 -21.82 -3.03
CA THR B 7 -0.93 -20.91 -2.96
C THR B 7 -1.87 -21.33 -1.83
N PRO B 8 -2.47 -20.35 -1.13
CA PRO B 8 -2.18 -18.92 -1.29
C PRO B 8 -1.05 -18.45 -0.38
N LEU B 9 -0.75 -17.15 -0.39
CA LEU B 9 0.23 -16.62 0.55
C LEU B 9 -0.34 -16.48 1.95
N SER B 10 -1.63 -16.20 2.06
CA SER B 10 -2.28 -15.95 3.34
C SER B 10 -3.67 -16.58 3.32
N LEU B 11 -4.00 -17.33 4.37
CA LEU B 11 -5.25 -18.07 4.42
C LEU B 11 -5.94 -17.83 5.75
N PRO B 12 -6.93 -16.93 5.81
CA PRO B 12 -7.75 -16.81 7.03
C PRO B 12 -8.85 -17.86 7.00
N VAL B 13 -9.01 -18.60 8.09
CA VAL B 13 -10.00 -19.67 8.16
C VAL B 13 -10.82 -19.50 9.43
N THR B 14 -12.14 -19.58 9.29
CA THR B 14 -12.99 -19.61 10.47
C THR B 14 -12.81 -20.96 11.16
N PRO B 15 -12.68 -20.99 12.48
CA PRO B 15 -12.49 -22.26 13.18
C PRO B 15 -13.60 -23.26 12.83
N GLY B 16 -13.19 -24.51 12.62
CA GLY B 16 -14.09 -25.56 12.22
C GLY B 16 -14.24 -25.76 10.72
N GLU B 17 -13.83 -24.80 9.91
CA GLU B 17 -14.00 -24.92 8.47
C GLU B 17 -12.74 -25.49 7.81
N PRO B 18 -12.86 -26.05 6.62
CA PRO B 18 -11.70 -26.65 5.95
C PRO B 18 -10.80 -25.62 5.30
N ALA B 19 -9.54 -26.02 5.13
CA ALA B 19 -8.53 -25.22 4.45
C ALA B 19 -7.77 -26.10 3.47
N SER B 20 -7.32 -25.49 2.37
CA SER B 20 -6.59 -26.23 1.35
C SER B 20 -5.42 -25.39 0.87
N ILE B 21 -4.24 -25.98 0.87
CA ILE B 21 -3.02 -25.32 0.45
C ILE B 21 -2.45 -26.10 -0.72
N SER B 22 -2.13 -25.40 -1.79
CA SER B 22 -1.66 -26.03 -3.01
C SER B 22 -0.16 -25.78 -3.17
N CYS B 23 0.54 -26.76 -3.75
CA CYS B 23 1.95 -26.65 -4.08
C CYS B 23 2.21 -27.29 -5.44
N ARG B 24 3.12 -26.71 -6.25
CA ARG B 24 3.60 -27.28 -7.53
C ARG B 24 5.08 -27.18 -7.68
N SER B 25 5.58 -28.17 -8.37
CA SER B 25 6.94 -28.23 -8.80
C SER B 25 6.98 -28.10 -10.31
N SER B 26 8.07 -27.60 -10.79
CA SER B 26 8.30 -27.44 -12.17
C SER B 26 8.76 -28.74 -12.82
N GLN B 27 9.10 -29.73 -12.02
CA GLN B 27 9.51 -31.05 -12.50
C GLN B 27 8.85 -32.11 -11.62
N SER B 28 8.82 -33.34 -12.13
CA SER B 28 8.35 -34.46 -11.33
C SER B 28 9.23 -34.65 -10.10
N LEU B 29 8.59 -34.95 -8.97
CA LEU B 29 9.30 -35.24 -7.73
C LEU B 29 9.45 -36.73 -7.48
N LEU B 30 9.13 -37.56 -8.48
CA LEU B 30 9.25 -39.01 -8.38
C LEU B 30 10.70 -39.43 -8.55
N ASP B 31 11.25 -40.13 -7.57
CA ASP B 31 12.64 -40.57 -7.65
C ASP B 31 12.71 -42.02 -8.15
N SER B 32 13.94 -42.53 -8.25
CA SER B 32 14.18 -43.84 -8.85
C SER B 32 13.37 -44.94 -8.17
N ASP B 33 13.34 -44.95 -6.84
CA ASP B 33 12.69 -46.02 -6.10
C ASP B 33 11.17 -45.87 -6.05
N GLY B 34 10.59 -44.94 -6.80
CA GLY B 34 9.15 -44.78 -6.84
C GLY B 34 8.55 -43.91 -5.76
N ASN B 35 9.37 -43.25 -4.95
CA ASN B 35 8.88 -42.35 -3.92
C ASN B 35 8.78 -40.93 -4.47
N THR B 36 7.74 -40.22 -4.05
CA THR B 36 7.54 -38.83 -4.42
C THR B 36 8.08 -37.96 -3.28
N CYS B 37 9.15 -37.22 -3.55
CA CYS B 37 9.94 -36.57 -2.50
C CYS B 37 9.40 -35.18 -2.24
N LEU B 38 8.30 -35.13 -1.51
CA LEU B 38 7.66 -33.86 -1.15
C LEU B 38 7.28 -33.92 0.33
N ASP B 39 7.79 -32.95 1.11
CA ASP B 39 7.50 -32.84 2.53
C ASP B 39 6.75 -31.54 2.80
N TRP B 40 5.96 -31.53 3.88
CA TRP B 40 5.25 -30.36 4.39
C TRP B 40 5.71 -30.06 5.81
N PHE B 41 6.07 -28.80 6.05
CA PHE B 41 6.47 -28.28 7.35
C PHE B 41 5.47 -27.23 7.84
N LEU B 42 5.38 -27.10 9.16
CA LEU B 42 4.61 -26.04 9.79
C LEU B 42 5.53 -25.28 10.74
N GLN B 43 5.53 -23.97 10.62
CA GLN B 43 6.30 -23.10 11.50
C GLN B 43 5.28 -22.32 12.31
N LYS B 44 5.10 -22.73 13.56
CA LYS B 44 4.20 -22.03 14.46
C LYS B 44 4.83 -20.70 14.88
N PRO B 45 4.02 -19.75 15.34
CA PRO B 45 4.56 -18.41 15.62
C PRO B 45 5.68 -18.46 16.65
N GLY B 46 6.78 -17.77 16.33
CA GLY B 46 7.93 -17.73 17.21
C GLY B 46 8.63 -19.06 17.44
N GLN B 47 8.64 -19.93 16.43
CA GLN B 47 9.23 -21.25 16.57
C GLN B 47 9.91 -21.65 15.27
N SER B 48 10.65 -22.76 15.33
CA SER B 48 11.31 -23.28 14.14
C SER B 48 10.29 -24.07 13.32
N PRO B 49 10.49 -24.18 12.01
CA PRO B 49 9.65 -25.10 11.22
C PRO B 49 9.76 -26.50 11.81
N GLN B 50 8.70 -27.32 11.75
CA GLN B 50 8.99 -28.75 11.93
C GLN B 50 8.14 -29.56 10.98
N LEU B 51 8.61 -30.77 10.77
CA LEU B 51 7.98 -31.65 9.81
C LEU B 51 6.56 -32.03 10.21
N LEU B 52 5.65 -31.92 9.27
CA LEU B 52 4.25 -32.25 9.47
C LEU B 52 3.84 -33.46 8.65
N ILE B 53 4.11 -33.44 7.35
CA ILE B 53 3.77 -34.53 6.45
C ILE B 53 5.03 -34.88 5.65
N TYR B 54 5.28 -36.17 5.45
CA TYR B 54 6.43 -36.57 4.65
C TYR B 54 5.99 -37.51 3.54
N ASP B 55 6.73 -37.47 2.44
CA ASP B 55 6.44 -38.27 1.24
C ASP B 55 4.97 -38.11 0.83
N VAL B 56 4.57 -36.85 0.65
CA VAL B 56 3.26 -36.45 0.14
C VAL B 56 2.13 -36.65 1.13
N SER B 57 2.07 -37.82 1.78
CA SER B 57 0.84 -38.15 2.51
C SER B 57 1.03 -38.76 3.88
N ASN B 58 2.26 -38.96 4.36
CA ASN B 58 2.47 -39.63 5.63
C ASN B 58 2.54 -38.63 6.76
N ARG B 59 1.70 -38.84 7.77
CA ARG B 59 1.64 -37.94 8.91
C ARG B 59 2.71 -38.30 9.94
N VAL B 60 3.41 -37.28 10.42
CA VAL B 60 4.32 -37.44 11.54
C VAL B 60 3.51 -37.79 12.78
N SER B 61 4.11 -38.58 13.68
CA SER B 61 3.44 -38.93 14.93
C SER B 61 3.08 -37.67 15.70
N GLY B 62 1.83 -37.62 16.18
CA GLY B 62 1.29 -36.46 16.86
C GLY B 62 0.51 -35.52 15.97
N VAL B 63 0.58 -35.68 14.66
CA VAL B 63 -0.20 -34.84 13.75
C VAL B 63 -1.61 -35.41 13.63
N PRO B 64 -2.65 -34.62 13.90
CA PRO B 64 -4.01 -35.16 13.88
C PRO B 64 -4.43 -35.59 12.49
N ASP B 65 -5.37 -36.54 12.46
CA ASP B 65 -5.93 -37.02 11.18
C ASP B 65 -6.68 -35.93 10.43
N ARG B 66 -6.90 -34.76 11.03
CA ARG B 66 -7.46 -33.62 10.31
C ARG B 66 -6.56 -33.19 9.15
N PHE B 67 -5.26 -33.44 9.27
CA PHE B 67 -4.30 -33.09 8.23
C PHE B 67 -4.18 -34.24 7.24
N SER B 68 -4.28 -33.94 5.96
CA SER B 68 -4.06 -34.96 4.95
C SER B 68 -3.31 -34.36 3.78
N GLY B 69 -2.48 -35.17 3.15
CA GLY B 69 -1.69 -34.75 2.00
C GLY B 69 -1.97 -35.65 0.82
N SER B 70 -2.05 -35.03 -0.36
CA SER B 70 -2.30 -35.78 -1.59
C SER B 70 -1.47 -35.13 -2.69
N GLY B 71 -1.37 -35.82 -3.81
CA GLY B 71 -0.70 -35.21 -4.92
C GLY B 71 -0.39 -36.20 -6.02
N SER B 72 0.05 -35.63 -7.13
CA SER B 72 0.55 -36.38 -8.27
C SER B 72 2.07 -36.34 -8.24
N ASP B 73 2.70 -36.31 -9.41
CA ASP B 73 4.13 -36.11 -9.49
C ASP B 73 4.54 -34.64 -9.32
N THR B 74 3.65 -33.70 -9.69
CA THR B 74 3.99 -32.29 -9.70
C THR B 74 3.00 -31.39 -8.96
N ASP B 75 1.84 -31.89 -8.57
CA ASP B 75 0.78 -31.08 -7.98
C ASP B 75 0.38 -31.72 -6.66
N PHE B 76 0.46 -30.95 -5.57
CA PHE B 76 0.28 -31.47 -4.23
C PHE B 76 -0.67 -30.57 -3.46
N THR B 77 -1.42 -31.19 -2.55
CA THR B 77 -2.42 -30.47 -1.76
C THR B 77 -2.33 -30.92 -0.32
N LEU B 78 -2.21 -29.95 0.58
CA LEU B 78 -2.36 -30.17 2.00
C LEU B 78 -3.76 -29.70 2.40
N LYS B 79 -4.55 -30.59 2.96
CA LYS B 79 -5.90 -30.30 3.38
C LYS B 79 -5.99 -30.37 4.90
N ILE B 80 -6.67 -29.40 5.50
CA ILE B 80 -7.01 -29.41 6.91
C ILE B 80 -8.53 -29.44 6.98
N SER B 81 -9.08 -30.53 7.51
CA SER B 81 -10.52 -30.75 7.40
C SER B 81 -11.31 -29.76 8.24
N ARG B 82 -10.88 -29.53 9.48
CA ARG B 82 -11.47 -28.53 10.36
C ARG B 82 -10.34 -27.81 11.06
N VAL B 83 -10.18 -26.52 10.79
CA VAL B 83 -9.04 -25.77 11.31
C VAL B 83 -9.29 -25.40 12.76
N GLU B 84 -8.28 -25.57 13.59
CA GLU B 84 -8.31 -25.20 15.00
C GLU B 84 -7.20 -24.19 15.28
N ALA B 85 -7.28 -23.56 16.47
CA ALA B 85 -6.37 -22.47 16.79
C ALA B 85 -4.92 -22.91 16.78
N GLU B 86 -4.64 -24.13 17.24
CA GLU B 86 -3.28 -24.65 17.27
C GLU B 86 -2.68 -24.87 15.88
N ASP B 87 -3.48 -24.74 14.81
CA ASP B 87 -3.00 -24.94 13.46
C ASP B 87 -2.40 -23.69 12.83
N VAL B 88 -2.46 -22.53 13.50
CA VAL B 88 -2.01 -21.30 12.87
C VAL B 88 -0.50 -21.31 12.70
N GLY B 89 -0.02 -20.62 11.68
CA GLY B 89 1.39 -20.55 11.41
C GLY B 89 1.63 -20.58 9.93
N VAL B 90 2.89 -20.79 9.53
CA VAL B 90 3.24 -20.77 8.12
C VAL B 90 3.57 -22.19 7.67
N TYR B 91 2.85 -22.67 6.66
CA TYR B 91 3.11 -23.98 6.09
C TYR B 91 4.04 -23.83 4.88
N TYR B 92 5.00 -24.75 4.77
CA TYR B 92 5.96 -24.75 3.68
C TYR B 92 6.00 -26.13 3.04
N CYS B 93 5.96 -26.20 1.72
CA CYS B 93 6.30 -27.44 1.05
C CYS B 93 7.77 -27.41 0.64
N MET B 94 8.37 -28.60 0.54
CA MET B 94 9.78 -28.71 0.17
C MET B 94 10.00 -29.98 -0.64
N GLN B 95 10.69 -29.86 -1.76
CA GLN B 95 11.07 -31.00 -2.58
C GLN B 95 12.49 -31.41 -2.23
N PHE B 96 12.76 -32.71 -2.33
CA PHE B 96 14.11 -33.22 -2.14
C PHE B 96 14.39 -34.35 -3.12
N VAL B 97 13.86 -34.25 -4.34
CA VAL B 97 14.26 -35.18 -5.38
C VAL B 97 15.63 -34.82 -5.95
N GLU B 98 16.06 -33.57 -5.82
CA GLU B 98 17.32 -33.12 -6.41
C GLU B 98 17.84 -31.91 -5.65
N PHE B 99 19.16 -31.74 -5.68
CA PHE B 99 19.78 -30.52 -5.18
C PHE B 99 19.66 -29.42 -6.23
N PRO B 100 19.53 -28.15 -5.81
CA PRO B 100 19.40 -27.76 -4.39
C PRO B 100 18.00 -28.05 -3.86
N LEU B 101 17.89 -28.30 -2.56
CA LEU B 101 16.58 -28.39 -1.95
C LEU B 101 15.89 -27.03 -2.06
N THR B 102 14.62 -27.04 -2.43
CA THR B 102 13.87 -25.80 -2.63
C THR B 102 12.54 -25.88 -1.91
N PHE B 103 12.11 -24.73 -1.39
CA PHE B 103 10.88 -24.61 -0.61
C PHE B 103 9.84 -23.82 -1.40
N GLY B 104 8.57 -24.12 -1.16
CA GLY B 104 7.52 -23.21 -1.55
C GLY B 104 7.63 -21.91 -0.76
N GLY B 105 6.88 -20.90 -1.21
CA GLY B 105 6.97 -19.60 -0.58
C GLY B 105 6.28 -19.46 0.76
N GLY B 106 5.50 -20.45 1.17
CA GLY B 106 4.83 -20.44 2.45
C GLY B 106 3.39 -19.94 2.35
N THR B 107 2.55 -20.49 3.22
CA THR B 107 1.15 -20.09 3.34
C THR B 107 0.89 -19.80 4.82
N LYS B 108 0.51 -18.57 5.12
CA LYS B 108 0.25 -18.18 6.51
C LYS B 108 -1.22 -18.42 6.83
N VAL B 109 -1.48 -19.40 7.68
CA VAL B 109 -2.83 -19.69 8.18
C VAL B 109 -3.05 -18.94 9.48
N GLU B 110 -4.14 -18.18 9.52
CA GLU B 110 -4.54 -17.39 10.69
C GLU B 110 -6.01 -17.65 10.96
N ILE B 111 -6.43 -17.31 12.18
CA ILE B 111 -7.82 -17.53 12.61
C ILE B 111 -8.67 -16.37 12.13
N ARG B 112 -9.79 -16.67 11.47
CA ARG B 112 -10.76 -15.65 11.12
C ARG B 112 -11.73 -15.47 12.29
N ARG B 113 -11.83 -14.25 12.79
CA ARG B 113 -12.76 -13.92 13.85
C ARG B 113 -13.75 -12.89 13.30
N THR B 114 -14.68 -12.45 14.14
CA THR B 114 -15.63 -11.45 13.71
C THR B 114 -14.91 -10.13 13.45
N VAL B 115 -15.52 -9.31 12.59
CA VAL B 115 -14.95 -8.01 12.24
C VAL B 115 -14.90 -7.14 13.48
N ALA B 116 -13.80 -6.42 13.65
CA ALA B 116 -13.62 -5.51 14.78
C ALA B 116 -12.94 -4.24 14.29
N ALA B 117 -13.60 -3.10 14.50
CA ALA B 117 -13.05 -1.84 14.03
C ALA B 117 -11.89 -1.41 14.92
N PRO B 118 -10.87 -0.78 14.35
CA PRO B 118 -9.75 -0.30 15.16
C PRO B 118 -10.16 0.87 16.05
N SER B 119 -9.55 0.93 17.22
CA SER B 119 -9.53 2.15 18.03
C SER B 119 -8.38 3.01 17.53
N VAL B 120 -8.63 4.29 17.24
CA VAL B 120 -7.66 5.14 16.57
C VAL B 120 -7.20 6.25 17.52
N PHE B 121 -5.88 6.44 17.60
CA PHE B 121 -5.26 7.46 18.43
C PHE B 121 -4.13 8.14 17.67
N ILE B 122 -3.93 9.44 17.91
CA ILE B 122 -2.78 10.15 17.32
C ILE B 122 -1.96 10.77 18.45
N PHE B 123 -0.64 10.73 18.30
CA PHE B 123 0.32 11.22 19.28
C PHE B 123 1.16 12.32 18.67
N PRO B 124 1.00 13.55 19.16
CA PRO B 124 1.87 14.63 18.74
C PRO B 124 3.24 14.50 19.38
N PRO B 125 4.30 14.94 18.69
CA PRO B 125 5.65 14.77 19.24
C PRO B 125 5.87 15.65 20.47
N SER B 126 6.67 15.12 21.39
CA SER B 126 7.07 15.83 22.59
C SER B 126 8.08 16.95 22.28
N GLU B 127 8.25 17.84 23.26
CA GLU B 127 9.15 18.98 23.08
C GLU B 127 10.58 18.52 22.88
N ASP B 128 11.01 17.48 23.64
CA ASP B 128 12.31 16.86 23.43
C ASP B 128 12.51 16.46 21.97
N GLN B 129 11.53 15.77 21.40
CA GLN B 129 11.66 15.33 20.02
C GLN B 129 11.83 16.52 19.09
N VAL B 130 11.13 17.62 19.37
CA VAL B 130 11.24 18.79 18.52
C VAL B 130 12.64 19.38 18.62
N LYS B 131 13.23 19.38 19.81
CA LYS B 131 14.60 19.89 19.88
C LYS B 131 15.61 18.92 19.28
N SER B 132 15.22 17.67 19.01
CA SER B 132 16.18 16.69 18.51
C SER B 132 16.62 16.94 17.07
N GLY B 133 15.84 17.68 16.27
CA GLY B 133 16.15 17.85 14.87
C GLY B 133 15.27 17.05 13.93
N THR B 134 14.68 15.94 14.41
CA THR B 134 13.75 15.13 13.64
C THR B 134 12.56 14.79 14.52
N VAL B 135 11.39 14.66 13.89
CA VAL B 135 10.11 14.54 14.58
C VAL B 135 9.36 13.33 14.04
N SER B 136 8.72 12.58 14.94
CA SER B 136 7.89 11.44 14.57
C SER B 136 6.49 11.62 15.15
N VAL B 137 5.48 11.63 14.28
CA VAL B 137 4.08 11.71 14.67
C VAL B 137 3.50 10.31 14.57
N VAL B 138 2.86 9.82 15.64
CA VAL B 138 2.48 8.42 15.68
C VAL B 138 0.96 8.28 15.60
N CYS B 139 0.49 7.37 14.75
CA CYS B 139 -0.92 7.01 14.65
C CYS B 139 -1.09 5.55 15.01
N LEU B 140 -1.95 5.26 15.97
CA LEU B 140 -2.16 3.90 16.48
C LEU B 140 -3.55 3.40 16.11
N LEU B 141 -3.60 2.20 15.53
CA LEU B 141 -4.82 1.43 15.27
C LEU B 141 -4.79 0.23 16.20
N ASN B 142 -5.72 0.19 17.16
CA ASN B 142 -5.70 -0.77 18.25
C ASN B 142 -6.79 -1.81 18.04
N ASN B 143 -6.39 -3.09 18.06
CA ASN B 143 -7.28 -4.25 18.25
C ASN B 143 -8.36 -4.32 17.18
N PHE B 144 -7.92 -4.62 15.95
CA PHE B 144 -8.85 -4.67 14.83
C PHE B 144 -8.72 -5.99 14.08
N TYR B 145 -9.77 -6.31 13.31
CA TYR B 145 -9.78 -7.49 12.44
C TYR B 145 -10.78 -7.24 11.33
N PRO B 146 -10.45 -7.58 10.06
CA PRO B 146 -9.22 -8.23 9.59
C PRO B 146 -8.01 -7.31 9.47
N ARG B 147 -6.91 -7.87 8.96
CA ARG B 147 -5.64 -7.15 8.91
C ARG B 147 -5.70 -5.95 7.97
N GLU B 148 -6.46 -6.05 6.88
CA GLU B 148 -6.43 -5.02 5.85
C GLU B 148 -6.99 -3.71 6.39
N ALA B 149 -6.23 -2.64 6.21
CA ALA B 149 -6.62 -1.30 6.65
C ALA B 149 -5.82 -0.28 5.86
N SER B 150 -6.39 0.90 5.71
CA SER B 150 -5.72 2.00 4.99
C SER B 150 -5.49 3.14 5.97
N VAL B 151 -4.27 3.66 6.00
CA VAL B 151 -3.92 4.77 6.87
C VAL B 151 -3.37 5.88 6.00
N LYS B 152 -4.03 7.03 6.01
CA LYS B 152 -3.62 8.17 5.21
C LYS B 152 -3.23 9.31 6.14
N TRP B 153 -2.14 9.99 5.81
CA TRP B 153 -1.67 11.13 6.58
C TRP B 153 -2.11 12.42 5.89
N LYS B 154 -2.53 13.39 6.70
CA LYS B 154 -2.96 14.70 6.21
C LYS B 154 -2.22 15.77 6.98
N VAL B 155 -1.57 16.67 6.24
CA VAL B 155 -0.81 17.78 6.80
C VAL B 155 -1.47 19.07 6.33
N ASP B 156 -1.94 19.88 7.29
CA ASP B 156 -2.72 21.08 6.97
C ASP B 156 -3.85 20.75 6.00
N GLY B 157 -4.48 19.59 6.20
CA GLY B 157 -5.61 19.19 5.38
C GLY B 157 -5.26 18.53 4.06
N ALA B 158 -3.99 18.46 3.68
CA ALA B 158 -3.60 17.95 2.36
C ALA B 158 -3.03 16.55 2.52
N LEU B 159 -3.40 15.66 1.59
CA LEU B 159 -2.89 14.30 1.61
C LEU B 159 -1.37 14.33 1.47
N LYS B 160 -0.69 13.62 2.37
CA LYS B 160 0.76 13.59 2.40
C LYS B 160 1.23 12.17 2.18
N THR B 161 1.98 11.95 1.09
CA THR B 161 2.51 10.64 0.77
C THR B 161 4.02 10.69 0.92
N GLY B 162 4.60 9.56 1.28
CA GLY B 162 6.02 9.52 1.57
C GLY B 162 6.28 9.90 3.02
N ASN B 163 7.48 9.58 3.49
CA ASN B 163 7.94 9.92 4.83
C ASN B 163 7.16 9.22 5.93
N SER B 164 6.47 8.12 5.65
CA SER B 164 5.76 7.39 6.69
C SER B 164 6.03 5.90 6.57
N GLN B 165 5.99 5.21 7.70
CA GLN B 165 6.25 3.78 7.74
C GLN B 165 5.27 3.10 8.70
N GLU B 166 4.93 1.86 8.40
CA GLU B 166 3.94 1.09 9.16
C GLU B 166 4.58 -0.13 9.81
N SER B 167 4.04 -0.51 10.96
CA SER B 167 4.43 -1.74 11.64
C SER B 167 3.19 -2.39 12.22
N VAL B 168 3.05 -3.71 12.02
CA VAL B 168 1.86 -4.44 12.44
C VAL B 168 2.27 -5.56 13.39
N THR B 169 1.48 -5.76 14.44
CA THR B 169 1.71 -6.89 15.33
C THR B 169 1.19 -8.16 14.66
N GLU B 170 1.66 -9.31 15.15
CA GLU B 170 0.98 -10.54 14.77
C GLU B 170 -0.34 -10.67 15.51
N GLN B 171 -1.17 -11.57 15.01
CA GLN B 171 -2.48 -11.81 15.60
C GLN B 171 -2.35 -12.12 17.08
N ASP B 172 -3.12 -11.39 17.88
CA ASP B 172 -3.04 -11.52 19.34
C ASP B 172 -3.56 -12.87 19.79
N SER B 173 -2.80 -13.53 20.67
CA SER B 173 -3.19 -14.86 21.14
C SER B 173 -4.50 -14.84 21.91
N LYS B 174 -4.89 -13.70 22.47
CA LYS B 174 -6.02 -13.63 23.39
C LYS B 174 -7.33 -13.27 22.70
N ASP B 175 -7.34 -12.25 21.84
CA ASP B 175 -8.55 -11.85 21.14
C ASP B 175 -8.48 -11.98 19.63
N ASN B 176 -7.37 -12.46 19.08
CA ASN B 176 -7.21 -12.71 17.65
C ASN B 176 -7.25 -11.44 16.80
N THR B 177 -6.92 -10.28 17.37
CA THR B 177 -6.92 -9.04 16.62
C THR B 177 -5.50 -8.63 16.24
N TYR B 178 -5.42 -7.58 15.43
CA TYR B 178 -4.16 -6.95 15.05
C TYR B 178 -4.12 -5.53 15.60
N SER B 179 -2.90 -5.02 15.77
CA SER B 179 -2.68 -3.61 16.04
C SER B 179 -1.61 -3.12 15.09
N LEU B 180 -1.67 -1.83 14.76
CA LEU B 180 -0.86 -1.23 13.71
C LEU B 180 -0.39 0.15 14.15
N SER B 181 0.86 0.46 13.88
CA SER B 181 1.40 1.80 14.07
C SER B 181 1.81 2.37 12.72
N SER B 182 1.47 3.64 12.50
CA SER B 182 1.91 4.39 11.32
C SER B 182 2.65 5.61 11.82
N THR B 183 3.88 5.80 11.36
CA THR B 183 4.75 6.85 11.87
C THR B 183 5.14 7.78 10.73
N LEU B 184 4.82 9.07 10.89
CA LEU B 184 5.21 10.11 9.95
C LEU B 184 6.45 10.80 10.48
N THR B 185 7.53 10.77 9.71
CA THR B 185 8.81 11.34 10.13
C THR B 185 9.11 12.59 9.30
N LEU B 186 9.40 13.69 9.98
CA LEU B 186 9.65 14.97 9.33
C LEU B 186 10.85 15.65 9.96
N SER B 187 11.48 16.53 9.19
CA SER B 187 12.44 17.44 9.78
C SER B 187 11.72 18.42 10.68
N SER B 188 12.39 18.89 11.71
CA SER B 188 11.79 19.85 12.63
C SER B 188 11.33 21.16 11.98
N THR B 189 12.10 21.71 11.06
CA THR B 189 11.67 22.93 10.40
C THR B 189 10.41 22.66 9.57
N GLU B 190 10.40 21.53 8.92
CA GLU B 190 9.24 21.12 8.19
C GLU B 190 8.03 20.92 9.13
N TYR B 191 8.24 20.26 10.26
CA TYR B 191 7.17 20.04 11.23
C TYR B 191 6.58 21.35 11.72
N GLN B 192 7.44 22.32 12.05
CA GLN B 192 6.99 23.59 12.57
C GLN B 192 6.49 24.53 11.47
N SER B 193 6.63 24.17 10.20
CA SER B 193 6.05 24.95 9.13
C SER B 193 4.60 24.58 8.82
N HIS B 194 3.95 23.79 9.67
CA HIS B 194 2.56 23.40 9.47
C HIS B 194 1.80 23.42 10.79
N LYS B 195 0.47 23.41 10.70
CA LYS B 195 -0.40 23.65 11.85
C LYS B 195 -1.23 22.43 12.27
N VAL B 196 -1.76 21.67 11.32
CA VAL B 196 -2.69 20.59 11.63
C VAL B 196 -2.13 19.28 11.09
N TYR B 197 -2.20 18.24 11.91
CA TYR B 197 -1.71 16.91 11.54
C TYR B 197 -2.78 15.88 11.84
N ALA B 198 -3.01 14.97 10.90
CA ALA B 198 -4.12 14.03 11.06
C ALA B 198 -3.79 12.70 10.40
N CYS B 199 -4.34 11.63 10.97
CA CYS B 199 -4.35 10.34 10.28
C CYS B 199 -5.79 9.90 10.12
N GLU B 200 -6.09 9.37 8.93
CA GLU B 200 -7.41 8.89 8.57
C GLU B 200 -7.33 7.40 8.29
N VAL B 201 -8.24 6.65 8.90
CA VAL B 201 -8.22 5.20 8.89
C VAL B 201 -9.45 4.68 8.17
N THR B 202 -9.24 3.78 7.21
CA THR B 202 -10.30 3.07 6.51
C THR B 202 -10.20 1.60 6.87
N HIS B 203 -11.33 1.02 7.27
CA HIS B 203 -11.35 -0.38 7.69
C HIS B 203 -12.76 -0.92 7.56
N GLN B 204 -12.86 -2.22 7.29
CA GLN B 204 -14.16 -2.84 7.01
C GLN B 204 -15.11 -2.71 8.20
N GLY B 205 -14.59 -2.57 9.41
CA GLY B 205 -15.44 -2.35 10.58
C GLY B 205 -15.99 -0.96 10.74
N LEU B 206 -15.57 0.00 9.91
CA LEU B 206 -16.05 1.38 10.00
C LEU B 206 -16.91 1.71 8.78
N SER B 207 -18.08 2.29 9.01
CA SER B 207 -18.97 2.63 7.90
C SER B 207 -18.41 3.76 7.05
N SER B 208 -17.59 4.63 7.63
CA SER B 208 -16.84 5.64 6.90
C SER B 208 -15.53 5.85 7.63
N PRO B 209 -14.53 6.45 6.97
CA PRO B 209 -13.20 6.57 7.60
C PRO B 209 -13.23 7.41 8.87
N VAL B 210 -12.33 7.07 9.80
CA VAL B 210 -12.19 7.78 11.07
C VAL B 210 -10.94 8.65 11.01
N THR B 211 -11.05 9.91 11.40
CA THR B 211 -9.93 10.83 11.37
C THR B 211 -9.58 11.28 12.78
N LYS B 212 -8.30 11.21 13.14
CA LYS B 212 -7.80 11.75 14.39
C LYS B 212 -6.76 12.82 14.07
N SER B 213 -6.88 13.98 14.71
CA SER B 213 -6.06 15.13 14.35
C SER B 213 -5.64 15.88 15.60
N PHE B 214 -4.63 16.74 15.43
CA PHE B 214 -4.25 17.70 16.45
C PHE B 214 -3.73 18.96 15.76
N ASN B 215 -3.78 20.06 16.51
CA ASN B 215 -3.22 21.34 16.10
C ASN B 215 -1.91 21.53 16.85
N ARG B 216 -0.83 21.75 16.11
CA ARG B 216 0.49 21.89 16.74
C ARG B 216 0.50 23.10 17.65
N GLY B 217 0.74 22.87 18.94
CA GLY B 217 0.78 23.94 19.92
C GLY B 217 -0.59 24.39 20.41
N GLN C 1 -24.87 32.95 -21.33
CA GLN C 1 -23.98 32.68 -20.21
C GLN C 1 -22.63 33.40 -20.37
N VAL C 2 -22.15 33.98 -19.27
CA VAL C 2 -20.76 34.43 -19.22
C VAL C 2 -19.86 33.20 -19.19
N GLN C 3 -18.70 33.29 -19.82
CA GLN C 3 -17.85 32.11 -19.88
C GLN C 3 -16.39 32.51 -19.94
N LEU C 4 -15.55 31.58 -19.47
CA LEU C 4 -14.10 31.76 -19.44
C LEU C 4 -13.46 30.73 -20.35
N VAL C 5 -12.52 31.19 -21.18
CA VAL C 5 -11.84 30.34 -22.15
C VAL C 5 -10.36 30.40 -21.86
N GLU C 6 -9.78 29.26 -21.48
CA GLU C 6 -8.35 29.14 -21.22
C GLU C 6 -7.61 28.70 -22.48
N SER C 7 -6.37 29.18 -22.60
CA SER C 7 -5.50 28.73 -23.68
C SER C 7 -4.05 28.84 -23.23
N GLY C 8 -3.20 28.01 -23.83
CA GLY C 8 -1.79 27.97 -23.51
C GLY C 8 -1.15 26.66 -23.88
N PRO C 9 0.17 26.57 -23.75
CA PRO C 9 0.88 25.33 -24.12
C PRO C 9 0.54 24.20 -23.16
N GLY C 10 0.38 23.00 -23.72
CA GLY C 10 0.08 21.84 -22.91
C GLY C 10 1.31 21.16 -22.35
N VAL C 11 2.46 21.36 -22.98
CA VAL C 11 3.73 20.82 -22.50
C VAL C 11 4.74 21.95 -22.42
N VAL C 12 5.44 22.03 -21.30
CA VAL C 12 6.46 23.03 -21.06
C VAL C 12 7.62 22.36 -20.36
N LYS C 13 8.84 22.72 -20.74
CA LYS C 13 10.01 22.13 -20.10
C LYS C 13 10.32 22.87 -18.80
N PRO C 14 11.06 22.22 -17.90
CA PRO C 14 11.38 22.89 -16.62
C PRO C 14 12.18 24.16 -16.82
N SER C 15 12.93 24.26 -17.93
CA SER C 15 13.70 25.46 -18.23
C SER C 15 12.86 26.59 -18.81
N GLU C 16 11.67 26.29 -19.32
CA GLU C 16 10.83 27.28 -20.00
C GLU C 16 9.89 28.00 -19.02
N THR C 17 9.02 28.82 -19.58
CA THR C 17 8.05 29.64 -18.84
C THR C 17 6.64 29.18 -19.17
N LEU C 18 5.79 29.02 -18.15
CA LEU C 18 4.40 28.68 -18.38
C LEU C 18 3.59 29.95 -18.58
N SER C 19 2.89 30.04 -19.71
CA SER C 19 2.08 31.20 -20.07
C SER C 19 0.67 30.74 -20.37
N LEU C 20 -0.31 31.29 -19.66
CA LEU C 20 -1.71 30.96 -19.86
C LEU C 20 -2.53 32.23 -20.03
N THR C 21 -3.53 32.16 -20.90
CA THR C 21 -4.46 33.26 -21.16
C THR C 21 -5.88 32.80 -20.84
N CYS C 22 -6.66 33.69 -20.23
CA CYS C 22 -8.07 33.45 -19.96
C CYS C 22 -8.88 34.61 -20.51
N VAL C 23 -9.83 34.29 -21.39
CA VAL C 23 -10.68 35.30 -22.03
C VAL C 23 -12.07 35.21 -21.42
N VAL C 24 -12.57 36.34 -20.91
CA VAL C 24 -13.87 36.43 -20.26
C VAL C 24 -14.85 36.99 -21.27
N SER C 25 -15.87 36.20 -21.62
CA SER C 25 -16.94 36.63 -22.51
C SER C 25 -18.19 36.90 -21.68
N GLY C 26 -18.62 38.16 -21.67
CA GLY C 26 -19.76 38.59 -20.88
C GLY C 26 -20.38 39.87 -21.42
N GLY C 30 -23.52 44.28 -14.99
CA GLY C 30 -23.68 45.67 -15.37
C GLY C 30 -22.75 46.64 -14.65
N ARG C 31 -22.97 46.82 -13.34
CA ARG C 31 -22.27 47.83 -12.57
C ARG C 31 -21.40 47.15 -11.50
N GLY C 32 -20.24 47.74 -11.21
CA GLY C 32 -19.38 47.16 -10.18
C GLY C 32 -18.07 46.57 -10.69
N PHE C 33 -17.64 45.44 -10.14
CA PHE C 33 -16.34 44.87 -10.51
C PHE C 33 -16.34 43.38 -10.19
N LEU C 34 -15.42 42.66 -10.80
CA LEU C 34 -15.26 41.22 -10.59
C LEU C 34 -13.90 40.93 -9.99
N TYR C 35 -13.74 39.75 -9.40
CA TYR C 35 -12.43 39.28 -8.98
C TYR C 35 -12.06 38.05 -9.80
N TRP C 36 -10.90 38.10 -10.44
CA TRP C 36 -10.42 37.05 -11.34
C TRP C 36 -9.23 36.36 -10.67
N SER C 37 -9.28 35.03 -10.61
CA SER C 37 -8.25 34.24 -9.93
C SER C 37 -7.77 33.11 -10.84
N TRP C 38 -6.55 32.66 -10.55
CA TRP C 38 -6.01 31.42 -11.08
C TRP C 38 -5.98 30.37 -9.97
N VAL C 39 -6.44 29.16 -10.29
CA VAL C 39 -6.50 28.05 -9.34
C VAL C 39 -5.94 26.83 -10.05
N ARG C 40 -5.15 26.01 -9.35
CA ARG C 40 -4.62 24.82 -10.02
C ARG C 40 -4.89 23.56 -9.19
N GLN C 41 -4.90 22.44 -9.92
CA GLN C 41 -5.17 21.13 -9.36
C GLN C 41 -4.19 20.12 -9.94
N PRO C 42 -3.18 19.69 -9.19
CA PRO C 42 -2.31 18.63 -9.68
C PRO C 42 -3.09 17.33 -9.82
N PRO C 43 -2.68 16.44 -10.74
CA PRO C 43 -3.44 15.19 -10.98
C PRO C 43 -3.73 14.42 -9.70
N GLY C 44 -5.02 14.17 -9.44
CA GLY C 44 -5.44 13.44 -8.27
C GLY C 44 -5.29 14.14 -6.94
N LYS C 45 -5.05 15.45 -6.93
CA LYS C 45 -4.86 16.19 -5.69
C LYS C 45 -5.89 17.33 -5.60
N GLY C 46 -5.74 18.17 -4.56
CA GLY C 46 -6.72 19.19 -4.28
C GLY C 46 -6.48 20.49 -5.05
N LEU C 47 -7.29 21.49 -4.73
CA LEU C 47 -7.23 22.79 -5.38
C LEU C 47 -6.30 23.72 -4.62
N GLU C 48 -5.53 24.52 -5.36
CA GLU C 48 -4.64 25.52 -4.77
C GLU C 48 -4.83 26.87 -5.46
N TRP C 49 -5.07 27.92 -4.67
CA TRP C 49 -5.22 29.27 -5.20
C TRP C 49 -3.85 29.87 -5.50
N ILE C 50 -3.64 30.30 -6.73
CA ILE C 50 -2.36 30.87 -7.15
C ILE C 50 -2.31 32.37 -6.90
N GLY C 51 -3.34 33.09 -7.34
CA GLY C 51 -3.39 34.53 -7.18
C GLY C 51 -4.59 35.08 -7.94
N GLY C 52 -4.72 36.40 -7.88
CA GLY C 52 -5.84 37.04 -8.54
C GLY C 52 -5.76 38.54 -8.48
N THR C 53 -6.82 39.17 -8.98
CA THR C 53 -6.92 40.62 -9.04
C THR C 53 -8.37 41.04 -9.27
N ALA C 54 -8.73 42.18 -8.70
CA ALA C 54 -10.01 42.80 -8.99
C ALA C 54 -9.93 43.55 -10.32
N THR C 55 -11.05 43.58 -11.04
CA THR C 55 -11.06 44.22 -12.35
C THR C 55 -10.94 45.75 -12.27
N ASN C 56 -11.25 46.35 -11.12
CA ASN C 56 -11.26 47.81 -11.01
C ASN C 56 -9.99 48.39 -10.36
N THR C 57 -9.00 47.57 -10.01
CA THR C 57 -7.83 48.03 -9.27
C THR C 57 -6.56 47.79 -10.09
N ASP C 58 -5.44 48.26 -9.53
CA ASP C 58 -4.11 48.01 -10.07
C ASP C 58 -3.31 47.08 -9.16
N ILE C 59 -3.98 46.39 -8.24
CA ILE C 59 -3.34 45.54 -7.25
C ILE C 59 -3.54 44.07 -7.62
N THR C 60 -2.46 43.29 -7.58
CA THR C 60 -2.51 41.86 -7.79
C THR C 60 -2.14 41.16 -6.49
N ASP C 61 -2.87 40.11 -6.12
CA ASP C 61 -2.61 39.31 -4.94
C ASP C 61 -2.05 37.94 -5.33
N TYR C 62 -1.08 37.46 -4.55
CA TYR C 62 -0.39 36.21 -4.85
C TYR C 62 -0.39 35.30 -3.63
N ASN C 63 -0.45 33.99 -3.88
CA ASN C 63 -0.25 33.02 -2.80
C ASN C 63 1.23 32.97 -2.44
N PRO C 64 1.61 33.17 -1.18
CA PRO C 64 3.02 33.10 -0.81
C PRO C 64 3.66 31.76 -1.11
N SER C 65 2.87 30.68 -1.20
CA SER C 65 3.44 29.35 -1.42
C SER C 65 4.14 29.22 -2.77
N LEU C 66 3.93 30.15 -3.69
CA LEU C 66 4.56 30.01 -4.99
C LEU C 66 5.84 30.82 -5.12
N LYS C 67 6.28 31.46 -4.03
CA LYS C 67 7.63 31.99 -3.88
C LYS C 67 7.95 33.05 -4.93
N SER C 68 6.95 33.83 -5.34
CA SER C 68 7.11 34.90 -6.33
C SER C 68 7.50 34.38 -7.71
N ARG C 69 7.15 33.12 -8.01
CA ARG C 69 7.33 32.59 -9.34
C ARG C 69 6.18 32.93 -10.27
N ALA C 70 5.06 33.42 -9.73
CA ALA C 70 3.88 33.74 -10.51
C ALA C 70 3.79 35.24 -10.77
N ALA C 71 3.34 35.58 -11.98
CA ALA C 71 3.07 36.95 -12.38
C ALA C 71 1.72 36.95 -13.09
N ILE C 72 0.76 37.67 -12.54
CA ILE C 72 -0.61 37.69 -13.06
C ILE C 72 -0.91 39.11 -13.52
N SER C 73 -1.48 39.23 -14.71
CA SER C 73 -1.84 40.55 -15.21
C SER C 73 -3.19 40.48 -15.90
N LYS C 74 -3.71 41.64 -16.29
CA LYS C 74 -5.02 41.68 -16.91
C LYS C 74 -5.14 42.88 -17.83
N ASP C 75 -6.12 42.80 -18.73
CA ASP C 75 -6.55 43.94 -19.53
C ASP C 75 -8.04 43.74 -19.75
N THR C 76 -8.84 44.54 -19.03
CA THR C 76 -10.29 44.42 -19.12
C THR C 76 -10.81 44.96 -20.44
N SER C 77 -10.07 45.87 -21.08
CA SER C 77 -10.47 46.35 -22.39
C SER C 77 -10.37 45.24 -23.44
N ARG C 78 -9.48 44.26 -23.24
CA ARG C 78 -9.40 43.11 -24.12
C ARG C 78 -10.05 41.87 -23.51
N ASN C 79 -10.89 42.05 -22.49
CA ASN C 79 -11.51 40.96 -21.74
C ASN C 79 -10.56 39.78 -21.49
N GLN C 80 -9.34 40.06 -21.05
CA GLN C 80 -8.47 38.92 -20.79
C GLN C 80 -7.64 39.13 -19.55
N PHE C 81 -7.16 38.01 -19.00
CA PHE C 81 -6.10 38.09 -17.99
C PHE C 81 -5.22 36.86 -18.08
N LEU C 82 -3.98 37.03 -17.62
CA LEU C 82 -2.88 36.15 -17.97
C LEU C 82 -2.15 35.71 -16.72
N LEU C 83 -1.56 34.52 -16.80
CA LEU C 83 -0.71 33.96 -15.76
C LEU C 83 0.61 33.53 -16.39
N ASN C 84 1.73 33.92 -15.77
CA ASN C 84 3.06 33.47 -16.17
C ASN C 84 3.76 32.89 -14.95
N LEU C 85 4.40 31.74 -15.13
CA LEU C 85 5.05 31.02 -14.03
C LEU C 85 6.44 30.57 -14.46
N LYS C 86 7.45 30.89 -13.63
CA LYS C 86 8.84 30.54 -13.90
C LYS C 86 9.72 30.78 -12.67
N PRO C 87 10.71 29.92 -12.39
CA PRO C 87 11.01 28.70 -13.14
C PRO C 87 10.09 27.55 -12.72
N LEU C 88 10.19 26.40 -13.38
CA LEU C 88 9.24 25.30 -13.18
C LEU C 88 9.93 24.00 -12.78
N THR C 89 9.14 23.14 -12.14
CA THR C 89 9.49 21.76 -11.85
C THR C 89 8.27 20.89 -12.17
N ALA C 90 8.49 19.58 -12.25
CA ALA C 90 7.37 18.65 -12.45
C ALA C 90 6.25 18.84 -11.45
N GLY C 91 6.53 19.41 -10.28
CA GLY C 91 5.48 19.69 -9.33
C GLY C 91 4.48 20.74 -9.78
N ASP C 92 4.75 21.40 -10.90
CA ASP C 92 3.83 22.39 -11.46
C ASP C 92 2.90 21.79 -12.50
N THR C 93 3.06 20.50 -12.82
CA THR C 93 2.10 19.79 -13.66
C THR C 93 0.74 19.81 -12.99
N ALA C 94 -0.27 20.33 -13.68
CA ALA C 94 -1.58 20.48 -13.07
C ALA C 94 -2.57 20.94 -14.11
N VAL C 95 -3.85 20.78 -13.78
CA VAL C 95 -4.90 21.47 -14.52
C VAL C 95 -5.01 22.88 -13.94
N TYR C 96 -4.94 23.89 -14.80
CA TYR C 96 -5.02 25.28 -14.40
C TYR C 96 -6.37 25.85 -14.83
N TYR C 97 -7.07 26.47 -13.88
CA TYR C 97 -8.38 27.07 -14.06
C TYR C 97 -8.28 28.57 -13.85
N CYS C 98 -9.03 29.32 -14.64
CA CYS C 98 -9.30 30.71 -14.30
C CYS C 98 -10.73 30.81 -13.77
N THR C 99 -10.93 31.76 -12.86
CA THR C 99 -12.20 31.91 -12.15
C THR C 99 -12.59 33.38 -12.08
N SER C 100 -13.89 33.62 -12.09
CA SER C 100 -14.43 34.97 -11.89
C SER C 100 -15.53 34.90 -10.83
N ARG C 101 -15.41 35.77 -9.83
CA ARG C 101 -16.32 35.76 -8.68
C ARG C 101 -16.82 37.17 -8.38
N ALA C 102 -18.09 37.24 -8.00
CA ALA C 102 -18.62 38.51 -7.52
C ALA C 102 -19.88 38.24 -6.70
N LYS C 103 -20.10 39.10 -5.72
CA LYS C 103 -21.36 39.17 -5.02
C LYS C 103 -22.36 39.87 -5.95
N ASP C 104 -23.57 39.31 -6.09
CA ASP C 104 -24.57 39.79 -7.06
C ASP C 104 -25.78 40.38 -6.33
N TYR C 105 -25.90 41.71 -6.41
CA TYR C 105 -26.99 42.47 -5.80
C TYR C 105 -28.03 42.94 -6.81
N ARG C 106 -27.94 42.51 -8.08
CA ARG C 106 -28.82 43.03 -9.12
C ARG C 106 -30.22 42.44 -9.07
N GLY C 107 -30.40 41.29 -8.43
CA GLY C 107 -31.66 40.59 -8.48
C GLY C 107 -32.54 40.79 -7.26
N PRO C 108 -33.70 40.13 -7.28
CA PRO C 108 -34.57 40.17 -6.09
C PRO C 108 -33.98 39.43 -4.90
N SER C 109 -33.09 38.46 -5.13
CA SER C 109 -32.41 37.75 -4.06
C SER C 109 -30.90 37.98 -4.20
N TYR C 110 -30.21 37.98 -3.06
CA TYR C 110 -28.75 38.00 -3.07
C TYR C 110 -28.24 36.74 -3.74
N SER C 111 -27.32 36.89 -4.69
CA SER C 111 -26.81 35.70 -5.36
C SER C 111 -25.32 35.89 -5.63
N ARG C 112 -24.75 34.96 -6.40
CA ARG C 112 -23.34 34.97 -6.69
C ARG C 112 -23.10 34.86 -8.19
N ILE C 113 -22.05 35.52 -8.64
CA ILE C 113 -21.40 35.24 -9.91
C ILE C 113 -20.22 34.36 -9.57
N ASP C 114 -20.18 33.17 -10.15
CA ASP C 114 -19.09 32.23 -9.88
C ASP C 114 -18.92 31.39 -11.13
N VAL C 115 -17.88 31.69 -11.90
CA VAL C 115 -17.66 31.09 -13.21
C VAL C 115 -16.25 30.52 -13.25
N TRP C 116 -16.14 29.31 -13.79
CA TRP C 116 -14.86 28.63 -13.95
C TRP C 116 -14.65 28.32 -15.43
N GLY C 117 -13.41 28.48 -15.90
CA GLY C 117 -13.05 27.97 -17.20
C GLY C 117 -13.03 26.45 -17.17
N PRO C 118 -12.97 25.82 -18.35
CA PRO C 118 -12.90 24.35 -18.40
C PRO C 118 -11.60 23.78 -17.86
N GLY C 119 -10.57 24.59 -17.69
CA GLY C 119 -9.28 24.11 -17.23
C GLY C 119 -8.41 23.63 -18.38
N VAL C 120 -7.10 23.82 -18.22
CA VAL C 120 -6.13 23.37 -19.21
C VAL C 120 -5.04 22.59 -18.49
N LEU C 121 -4.78 21.36 -18.95
CA LEU C 121 -3.72 20.56 -18.37
C LEU C 121 -2.37 21.05 -18.88
N VAL C 122 -1.45 21.32 -17.97
CA VAL C 122 -0.10 21.71 -18.30
C VAL C 122 0.83 20.69 -17.66
N THR C 123 1.62 20.01 -18.49
CA THR C 123 2.62 19.06 -18.04
C THR C 123 4.01 19.67 -18.14
N VAL C 124 4.74 19.65 -17.04
CA VAL C 124 6.11 20.13 -17.02
C VAL C 124 6.99 18.89 -17.10
N SER C 125 7.75 18.77 -18.20
CA SER C 125 8.53 17.56 -18.42
C SER C 125 9.54 17.80 -19.53
N SER C 126 10.70 17.14 -19.40
CA SER C 126 11.73 17.15 -20.43
C SER C 126 11.51 16.08 -21.50
N ALA C 127 10.49 15.24 -21.35
CA ALA C 127 10.25 14.15 -22.29
C ALA C 127 9.87 14.67 -23.68
N SER C 128 10.19 13.88 -24.70
CA SER C 128 9.83 14.20 -26.07
C SER C 128 8.53 13.53 -26.47
N THR C 129 7.83 14.16 -27.40
CA THR C 129 6.61 13.57 -27.97
C THR C 129 6.91 12.20 -28.56
N LYS C 130 6.09 11.21 -28.22
CA LYS C 130 6.27 9.87 -28.73
C LYS C 130 4.91 9.18 -28.84
N GLY C 131 4.67 8.52 -29.97
CA GLY C 131 3.48 7.74 -30.12
C GLY C 131 3.57 6.48 -29.30
N PRO C 132 2.42 5.92 -28.94
CA PRO C 132 2.42 4.72 -28.08
C PRO C 132 2.62 3.43 -28.87
N SER C 133 3.19 2.45 -28.18
CA SER C 133 3.19 1.07 -28.69
C SER C 133 1.95 0.36 -28.15
N VAL C 134 1.22 -0.29 -29.05
CA VAL C 134 -0.05 -0.93 -28.71
C VAL C 134 0.13 -2.44 -28.84
N PHE C 135 -0.11 -3.15 -27.74
CA PHE C 135 0.01 -4.60 -27.73
C PHE C 135 -1.32 -5.23 -27.33
N PRO C 136 -1.70 -6.35 -27.94
CA PRO C 136 -2.94 -7.01 -27.53
C PRO C 136 -2.78 -7.75 -26.21
N LEU C 137 -3.89 -7.85 -25.48
CA LEU C 137 -4.00 -8.59 -24.25
C LEU C 137 -5.02 -9.69 -24.53
N ALA C 138 -4.53 -10.90 -24.81
CA ALA C 138 -5.38 -12.00 -25.23
C ALA C 138 -5.72 -12.89 -24.03
N PRO C 139 -6.95 -13.38 -23.99
CA PRO C 139 -7.38 -14.24 -22.87
C PRO C 139 -6.38 -15.34 -22.56
N SER C 140 -6.11 -15.52 -21.27
CA SER C 140 -5.12 -16.49 -20.79
C SER C 140 -5.53 -17.93 -21.08
N SER C 145 -13.44 -23.57 -19.15
CA SER C 145 -14.14 -22.60 -19.99
C SER C 145 -15.20 -21.85 -19.18
N GLU C 146 -14.93 -20.59 -18.87
CA GLU C 146 -15.87 -19.75 -18.16
C GLU C 146 -16.90 -19.17 -19.15
N SER C 147 -17.95 -18.59 -18.57
CA SER C 147 -18.98 -17.91 -19.34
C SER C 147 -18.48 -16.57 -19.86
N THR C 148 -17.61 -15.90 -19.12
CA THR C 148 -17.13 -14.58 -19.46
C THR C 148 -15.63 -14.58 -19.67
N ALA C 149 -15.19 -13.86 -20.70
CA ALA C 149 -13.78 -13.70 -21.03
C ALA C 149 -13.44 -12.21 -20.98
N ALA C 150 -12.15 -11.93 -20.84
CA ALA C 150 -11.66 -10.55 -20.87
C ALA C 150 -10.54 -10.44 -21.89
N LEU C 151 -10.55 -9.33 -22.63
CA LEU C 151 -9.46 -9.04 -23.56
C LEU C 151 -9.14 -7.56 -23.47
N GLY C 152 -8.00 -7.16 -24.00
CA GLY C 152 -7.69 -5.74 -23.94
C GLY C 152 -6.55 -5.33 -24.84
N CYS C 153 -6.09 -4.11 -24.63
CA CYS C 153 -4.95 -3.52 -25.32
C CYS C 153 -4.12 -2.73 -24.32
N LEU C 154 -2.81 -2.91 -24.39
CA LEU C 154 -1.85 -2.17 -23.58
C LEU C 154 -1.27 -1.07 -24.47
N VAL C 155 -1.42 0.17 -24.01
CA VAL C 155 -0.94 1.36 -24.72
C VAL C 155 0.21 1.92 -23.90
N LYS C 156 1.44 1.74 -24.38
CA LYS C 156 2.62 1.88 -23.56
C LYS C 156 3.58 2.92 -24.12
N ASP C 157 4.23 3.65 -23.21
CA ASP C 157 5.38 4.51 -23.53
C ASP C 157 5.01 5.60 -24.54
N TYR C 158 4.04 6.42 -24.18
CA TYR C 158 3.68 7.57 -24.98
C TYR C 158 3.81 8.85 -24.16
N PHE C 159 3.90 9.98 -24.88
CA PHE C 159 3.96 11.28 -24.25
C PHE C 159 3.57 12.32 -25.29
N PRO C 160 2.78 13.35 -24.92
CA PRO C 160 2.18 13.50 -23.59
C PRO C 160 0.77 12.93 -23.55
N GLU C 161 0.07 13.17 -22.44
CA GLU C 161 -1.36 12.93 -22.39
C GLU C 161 -2.07 13.87 -23.35
N PRO C 162 -3.26 13.50 -23.86
CA PRO C 162 -3.96 12.23 -23.62
C PRO C 162 -3.91 11.28 -24.81
N VAL C 163 -4.38 10.06 -24.59
CA VAL C 163 -4.70 9.13 -25.66
C VAL C 163 -6.19 8.81 -25.55
N THR C 164 -6.82 8.53 -26.68
CA THR C 164 -8.19 8.07 -26.69
C THR C 164 -8.24 6.64 -27.18
N VAL C 165 -9.09 5.83 -26.55
CA VAL C 165 -9.23 4.42 -26.88
C VAL C 165 -10.70 4.13 -27.09
N SER C 166 -11.02 3.49 -28.21
CA SER C 166 -12.36 2.99 -28.48
C SER C 166 -12.24 1.52 -28.88
N TRP C 167 -13.38 0.83 -28.90
CA TRP C 167 -13.42 -0.56 -29.32
C TRP C 167 -14.39 -0.69 -30.48
N ASN C 168 -13.93 -1.34 -31.55
CA ASN C 168 -14.72 -1.53 -32.76
C ASN C 168 -15.35 -0.22 -33.24
N SER C 169 -14.49 0.79 -33.39
CA SER C 169 -14.89 2.11 -33.90
C SER C 169 -16.03 2.72 -33.08
N GLY C 170 -15.99 2.52 -31.77
CA GLY C 170 -17.01 3.03 -30.89
C GLY C 170 -18.28 2.22 -30.81
N SER C 171 -18.37 1.12 -31.57
CA SER C 171 -19.58 0.30 -31.54
C SER C 171 -19.68 -0.50 -30.24
N LEU C 172 -18.55 -0.80 -29.62
CA LEU C 172 -18.50 -1.60 -28.39
C LEU C 172 -18.15 -0.68 -27.23
N THR C 173 -19.09 -0.51 -26.30
CA THR C 173 -18.85 0.37 -25.16
C THR C 173 -19.18 -0.36 -23.87
N SER C 174 -20.10 -1.33 -23.98
CA SER C 174 -20.59 -2.03 -22.80
C SER C 174 -19.51 -2.97 -22.28
N GLY C 175 -19.20 -2.85 -20.99
CA GLY C 175 -18.19 -3.67 -20.36
C GLY C 175 -16.77 -3.18 -20.57
N VAL C 176 -16.60 -2.01 -21.18
CA VAL C 176 -15.28 -1.45 -21.44
C VAL C 176 -14.78 -0.69 -20.22
N HIS C 177 -13.53 -0.92 -19.82
CA HIS C 177 -12.86 -0.12 -18.82
C HIS C 177 -11.52 0.34 -19.39
N THR C 178 -11.38 1.65 -19.57
CA THR C 178 -10.10 2.23 -19.95
C THR C 178 -9.52 2.91 -18.72
N PHE C 179 -8.36 2.41 -18.28
CA PHE C 179 -7.82 2.86 -17.01
C PHE C 179 -7.07 4.18 -17.17
N PRO C 180 -7.04 5.00 -16.12
CA PRO C 180 -6.22 6.22 -16.15
C PRO C 180 -4.76 5.87 -16.40
N ALA C 181 -4.08 6.75 -17.13
CA ALA C 181 -2.68 6.53 -17.43
C ALA C 181 -1.84 6.64 -16.16
N VAL C 182 -0.70 5.93 -16.16
CA VAL C 182 0.26 6.02 -15.08
C VAL C 182 1.57 6.56 -15.64
N LEU C 183 2.17 7.50 -14.92
CA LEU C 183 3.47 8.06 -15.30
C LEU C 183 4.56 7.08 -14.93
N GLN C 184 5.33 6.63 -15.92
CA GLN C 184 6.42 5.69 -15.70
C GLN C 184 7.66 6.41 -15.21
N SER C 185 8.60 5.63 -14.65
CA SER C 185 9.87 6.18 -14.22
C SER C 185 10.66 6.78 -15.37
N SER C 186 10.37 6.38 -16.61
CA SER C 186 10.99 6.95 -17.79
C SER C 186 10.45 8.33 -18.17
N GLY C 187 9.35 8.78 -17.55
CA GLY C 187 8.72 10.01 -17.95
C GLY C 187 7.63 9.87 -19.00
N LEU C 188 7.36 8.65 -19.48
CA LEU C 188 6.29 8.38 -20.42
C LEU C 188 5.08 7.80 -19.69
N TYR C 189 3.97 7.69 -20.40
CA TYR C 189 2.72 7.19 -19.85
C TYR C 189 2.37 5.83 -20.41
N SER C 190 1.64 5.04 -19.62
CA SER C 190 1.12 3.76 -20.07
C SER C 190 -0.24 3.52 -19.44
N LEU C 191 -1.12 2.86 -20.20
CA LEU C 191 -2.40 2.44 -19.67
C LEU C 191 -2.83 1.16 -20.37
N SER C 192 -3.92 0.59 -19.87
CA SER C 192 -4.57 -0.54 -20.51
C SER C 192 -6.05 -0.22 -20.68
N SER C 193 -6.64 -0.76 -21.73
CA SER C 193 -8.08 -0.75 -21.91
C SER C 193 -8.54 -2.20 -22.07
N VAL C 194 -9.61 -2.56 -21.36
CA VAL C 194 -10.08 -3.95 -21.35
C VAL C 194 -11.58 -3.96 -21.57
N VAL C 195 -12.07 -5.13 -21.95
CA VAL C 195 -13.51 -5.36 -22.09
C VAL C 195 -13.78 -6.83 -21.79
N THR C 196 -14.90 -7.08 -21.12
CA THR C 196 -15.37 -8.43 -20.82
C THR C 196 -16.52 -8.75 -21.76
N VAL C 197 -16.48 -9.94 -22.35
CA VAL C 197 -17.47 -10.38 -23.33
C VAL C 197 -17.87 -11.81 -23.03
N PRO C 198 -19.04 -12.24 -23.53
CA PRO C 198 -19.38 -13.66 -23.42
C PRO C 198 -18.40 -14.50 -24.21
N SER C 199 -17.95 -15.61 -23.61
CA SER C 199 -16.96 -16.45 -24.27
C SER C 199 -17.47 -16.98 -25.60
N SER C 200 -18.78 -17.24 -25.70
CA SER C 200 -19.36 -17.71 -26.95
C SER C 200 -19.17 -16.72 -28.08
N SER C 201 -19.00 -15.43 -27.78
CA SER C 201 -18.79 -14.43 -28.82
C SER C 201 -17.38 -14.43 -29.38
N LEU C 202 -16.44 -15.16 -28.76
CA LEU C 202 -15.06 -15.12 -29.23
C LEU C 202 -14.94 -15.70 -30.64
N GLY C 203 -15.82 -16.63 -31.01
CA GLY C 203 -15.78 -17.21 -32.34
C GLY C 203 -16.48 -16.40 -33.40
N THR C 204 -17.48 -15.61 -33.02
CA THR C 204 -18.28 -14.88 -33.99
C THR C 204 -17.90 -13.41 -34.13
N GLN C 205 -17.45 -12.77 -33.05
CA GLN C 205 -17.22 -11.33 -33.03
C GLN C 205 -15.75 -10.98 -33.19
N THR C 206 -15.49 -9.92 -33.94
CA THR C 206 -14.16 -9.34 -34.06
C THR C 206 -13.99 -8.24 -33.01
N TYR C 207 -12.82 -8.19 -32.39
CA TYR C 207 -12.52 -7.18 -31.39
C TYR C 207 -11.27 -6.42 -31.79
N VAL C 208 -11.44 -5.12 -32.05
CA VAL C 208 -10.35 -4.23 -32.44
C VAL C 208 -10.38 -3.04 -31.51
N CYS C 209 -9.21 -2.69 -30.97
CA CYS C 209 -9.07 -1.47 -30.19
C CYS C 209 -8.44 -0.40 -31.07
N ASN C 210 -9.04 0.79 -31.04
CA ASN C 210 -8.60 1.93 -31.82
C ASN C 210 -8.00 2.95 -30.86
N VAL C 211 -6.70 3.22 -31.05
CA VAL C 211 -5.94 4.11 -30.18
C VAL C 211 -5.53 5.31 -30.99
N ASN C 212 -5.81 6.50 -30.46
CA ASN C 212 -5.53 7.77 -31.12
C ASN C 212 -4.72 8.64 -30.17
N HIS C 213 -3.51 9.01 -30.60
CA HIS C 213 -2.62 9.91 -29.89
C HIS C 213 -2.37 11.08 -30.84
N LYS C 214 -3.15 12.14 -30.67
CA LYS C 214 -3.09 13.27 -31.58
C LYS C 214 -1.82 14.10 -31.42
N PRO C 215 -1.24 14.25 -30.22
CA PRO C 215 0.03 14.98 -30.13
C PRO C 215 1.14 14.42 -31.01
N SER C 216 1.15 13.11 -31.25
CA SER C 216 2.15 12.49 -32.12
C SER C 216 1.60 12.12 -33.49
N ASN C 217 0.35 12.46 -33.78
CA ASN C 217 -0.29 12.09 -35.04
C ASN C 217 -0.25 10.57 -35.25
N THR C 218 -0.55 9.83 -34.18
CA THR C 218 -0.51 8.38 -34.22
C THR C 218 -1.92 7.81 -34.13
N LYS C 219 -2.31 6.94 -35.05
CA LYS C 219 -3.48 6.13 -34.82
C LYS C 219 -3.26 4.71 -35.32
N VAL C 220 -3.61 3.80 -34.41
CA VAL C 220 -3.38 2.36 -34.47
C VAL C 220 -4.70 1.65 -34.22
N ASP C 221 -4.93 0.59 -34.99
CA ASP C 221 -6.04 -0.33 -34.77
C ASP C 221 -5.44 -1.70 -34.60
N LYS C 222 -5.69 -2.33 -33.46
CA LYS C 222 -5.21 -3.67 -33.18
C LYS C 222 -6.38 -4.59 -32.94
N ARG C 223 -6.49 -5.63 -33.75
CA ARG C 223 -7.38 -6.75 -33.47
C ARG C 223 -6.78 -7.62 -32.36
N VAL C 224 -7.64 -8.07 -31.46
CA VAL C 224 -7.25 -8.88 -30.31
C VAL C 224 -7.85 -10.25 -30.52
N GLU C 225 -6.98 -11.23 -30.74
CA GLU C 225 -7.37 -12.60 -31.05
C GLU C 225 -6.70 -13.53 -30.05
N ILE C 226 -7.25 -14.73 -29.94
CA ILE C 226 -6.61 -15.75 -29.13
C ILE C 226 -5.75 -16.61 -30.04
N ASP D 1 -1.18 31.45 6.78
CA ASP D 1 -2.35 31.02 6.03
C ASP D 1 -3.37 30.38 6.94
N ILE D 2 -4.65 30.54 6.61
CA ILE D 2 -5.70 29.84 7.33
C ILE D 2 -5.75 28.41 6.80
N VAL D 3 -5.69 27.44 7.70
CA VAL D 3 -5.66 26.03 7.31
C VAL D 3 -7.09 25.49 7.31
N MET D 4 -7.48 24.88 6.20
CA MET D 4 -8.80 24.29 6.00
C MET D 4 -8.66 22.77 5.97
N THR D 5 -9.39 22.09 6.83
CA THR D 5 -9.39 20.63 6.91
C THR D 5 -10.78 20.06 6.67
N GLN D 6 -10.86 18.98 5.89
CA GLN D 6 -12.13 18.39 5.49
C GLN D 6 -12.15 16.91 5.85
N THR D 7 -13.28 16.43 6.38
CA THR D 7 -13.38 15.00 6.65
C THR D 7 -14.70 14.43 6.16
N PRO D 8 -14.68 13.19 5.62
CA PRO D 8 -13.46 12.42 5.36
C PRO D 8 -12.88 12.69 3.97
N LEU D 9 -11.84 11.98 3.57
CA LEU D 9 -11.34 12.10 2.20
C LEU D 9 -12.25 11.40 1.20
N SER D 10 -12.88 10.31 1.62
CA SER D 10 -13.78 9.52 0.78
C SER D 10 -14.95 9.10 1.64
N LEU D 11 -16.17 9.34 1.15
CA LEU D 11 -17.39 9.14 1.93
C LEU D 11 -18.37 8.27 1.16
N PRO D 12 -18.52 6.99 1.54
CA PRO D 12 -19.54 6.14 0.91
C PRO D 12 -20.90 6.44 1.49
N VAL D 13 -21.89 6.62 0.60
CA VAL D 13 -23.24 6.98 1.03
C VAL D 13 -24.24 6.04 0.39
N THR D 14 -25.19 5.56 1.18
CA THR D 14 -26.29 4.78 0.66
C THR D 14 -27.28 5.69 -0.07
N PRO D 15 -27.71 5.34 -1.29
CA PRO D 15 -28.72 6.15 -1.98
C PRO D 15 -29.99 6.22 -1.14
N GLY D 16 -30.56 7.42 -1.06
CA GLY D 16 -31.74 7.66 -0.26
C GLY D 16 -31.47 8.06 1.18
N GLU D 17 -30.26 7.82 1.68
CA GLU D 17 -29.87 8.12 3.05
C GLU D 17 -29.18 9.47 3.12
N PRO D 18 -29.14 10.09 4.29
CA PRO D 18 -28.45 11.39 4.43
C PRO D 18 -26.94 11.20 4.48
N ALA D 19 -26.25 12.27 4.08
CA ALA D 19 -24.79 12.32 4.13
C ALA D 19 -24.36 13.67 4.70
N SER D 20 -23.20 13.68 5.36
CA SER D 20 -22.68 14.89 5.98
C SER D 20 -21.18 14.98 5.77
N ILE D 21 -20.71 16.14 5.31
CA ILE D 21 -19.29 16.41 5.07
C ILE D 21 -18.86 17.55 5.96
N SER D 22 -17.75 17.39 6.68
CA SER D 22 -17.32 18.40 7.63
C SER D 22 -16.10 19.17 7.11
N CYS D 23 -16.03 20.45 7.48
CA CYS D 23 -14.92 21.33 7.13
C CYS D 23 -14.61 22.20 8.36
N ARG D 24 -13.33 22.51 8.55
CA ARG D 24 -12.92 23.30 9.71
C ARG D 24 -11.79 24.23 9.33
N SER D 25 -11.81 25.44 9.90
CA SER D 25 -10.78 26.44 9.67
C SER D 25 -9.97 26.59 10.96
N SER D 26 -8.68 26.96 10.81
CA SER D 26 -7.84 27.19 11.96
C SER D 26 -8.08 28.55 12.61
N GLN D 27 -8.89 29.40 11.98
CA GLN D 27 -9.27 30.70 12.54
C GLN D 27 -10.73 30.97 12.22
N SER D 28 -11.32 31.91 12.94
CA SER D 28 -12.68 32.33 12.63
C SER D 28 -12.75 32.87 11.20
N LEU D 29 -13.81 32.51 10.49
CA LEU D 29 -14.04 33.01 9.14
C LEU D 29 -15.01 34.18 9.14
N LEU D 30 -15.35 34.71 10.31
CA LEU D 30 -16.25 35.85 10.43
C LEU D 30 -15.50 37.13 10.07
N ASP D 31 -15.95 37.80 9.02
CA ASP D 31 -15.35 39.04 8.59
C ASP D 31 -15.94 40.25 9.30
N SER D 32 -15.40 41.47 9.00
CA SER D 32 -15.85 42.70 9.66
C SER D 32 -17.34 42.92 9.50
N ASP D 33 -17.88 42.68 8.30
CA ASP D 33 -19.28 42.95 8.02
C ASP D 33 -20.22 41.89 8.60
N GLY D 34 -19.71 40.95 9.39
CA GLY D 34 -20.57 39.96 10.00
C GLY D 34 -20.90 38.77 9.13
N ASN D 35 -20.30 38.66 7.95
CA ASN D 35 -20.50 37.50 7.08
C ASN D 35 -19.41 36.47 7.34
N THR D 36 -19.80 35.19 7.31
CA THR D 36 -18.86 34.09 7.47
C THR D 36 -18.46 33.62 6.08
N CYS D 37 -17.21 33.87 5.75
CA CYS D 37 -16.68 33.67 4.45
C CYS D 37 -16.25 32.27 4.09
N LEU D 38 -17.24 31.42 3.89
CA LEU D 38 -16.97 30.02 3.57
C LEU D 38 -17.92 29.54 2.49
N ASP D 39 -17.36 29.01 1.40
CA ASP D 39 -18.12 28.49 0.27
C ASP D 39 -17.87 26.99 0.11
N TRP D 40 -18.84 26.31 -0.49
CA TRP D 40 -18.75 24.89 -0.86
C TRP D 40 -18.92 24.76 -2.37
N PHE D 41 -17.99 24.03 -3.00
CA PHE D 41 -17.98 23.69 -4.41
C PHE D 41 -18.10 22.19 -4.59
N LEU D 42 -18.64 21.78 -5.74
CA LEU D 42 -18.68 20.38 -6.14
C LEU D 42 -18.03 20.24 -7.51
N GLN D 43 -17.12 19.29 -7.65
CA GLN D 43 -16.44 18.98 -8.89
C GLN D 43 -16.87 17.56 -9.27
N LYS D 44 -17.79 17.49 -10.23
CA LYS D 44 -18.24 16.21 -10.76
C LYS D 44 -17.13 15.63 -11.66
N PRO D 45 -17.17 14.32 -11.89
CA PRO D 45 -16.06 13.70 -12.64
C PRO D 45 -15.89 14.32 -14.01
N GLY D 46 -14.64 14.64 -14.34
CA GLY D 46 -14.33 15.25 -15.63
C GLY D 46 -14.92 16.62 -15.84
N GLN D 47 -15.04 17.42 -14.80
CA GLN D 47 -15.65 18.74 -14.92
C GLN D 47 -14.94 19.71 -14.00
N SER D 48 -15.23 20.99 -14.19
CA SER D 48 -14.67 22.04 -13.36
C SER D 48 -15.44 22.12 -12.05
N PRO D 49 -14.82 22.63 -10.99
CA PRO D 49 -15.59 22.90 -9.77
C PRO D 49 -16.75 23.83 -10.05
N GLN D 50 -17.81 23.70 -9.26
CA GLN D 50 -19.01 24.51 -9.39
C GLN D 50 -19.48 24.93 -8.01
N LEU D 51 -19.80 26.20 -7.86
CA LEU D 51 -20.25 26.71 -6.56
C LEU D 51 -21.59 26.07 -6.22
N LEU D 52 -21.70 25.55 -5.00
CA LEU D 52 -22.91 24.91 -4.54
C LEU D 52 -23.57 25.68 -3.40
N ILE D 53 -22.80 26.01 -2.36
CA ILE D 53 -23.32 26.77 -1.23
C ILE D 53 -22.36 27.92 -0.98
N TYR D 54 -22.90 29.11 -0.66
CA TYR D 54 -22.04 30.26 -0.38
C TYR D 54 -22.42 30.91 0.95
N ASP D 55 -21.42 31.52 1.58
CA ASP D 55 -21.58 32.13 2.91
C ASP D 55 -22.23 31.15 3.88
N VAL D 56 -21.65 29.96 3.97
CA VAL D 56 -22.01 28.89 4.91
C VAL D 56 -23.32 28.18 4.56
N SER D 57 -24.38 28.94 4.23
CA SER D 57 -25.70 28.33 4.20
C SER D 57 -26.60 28.73 3.03
N ASN D 58 -26.15 29.56 2.09
CA ASN D 58 -26.99 30.01 0.99
C ASN D 58 -26.84 29.08 -0.21
N ARG D 59 -27.96 28.57 -0.68
CA ARG D 59 -27.97 27.66 -1.82
C ARG D 59 -27.96 28.44 -3.13
N VAL D 60 -27.08 28.05 -4.04
CA VAL D 60 -27.10 28.60 -5.39
C VAL D 60 -28.38 28.13 -6.08
N SER D 61 -28.95 29.01 -6.91
CA SER D 61 -30.16 28.65 -7.66
C SER D 61 -29.90 27.44 -8.55
N GLY D 62 -30.82 26.48 -8.52
CA GLY D 62 -30.66 25.24 -9.25
C GLY D 62 -30.12 24.09 -8.42
N VAL D 63 -29.60 24.38 -7.23
CA VAL D 63 -29.11 23.34 -6.33
C VAL D 63 -30.30 22.79 -5.55
N PRO D 64 -30.49 21.47 -5.50
CA PRO D 64 -31.69 20.93 -4.84
C PRO D 64 -31.71 21.27 -3.36
N ASP D 65 -32.93 21.43 -2.82
CA ASP D 65 -33.10 21.67 -1.41
C ASP D 65 -32.64 20.51 -0.54
N ARG D 66 -32.28 19.38 -1.16
CA ARG D 66 -31.61 18.31 -0.42
C ARG D 66 -30.28 18.78 0.17
N PHE D 67 -29.65 19.78 -0.45
CA PHE D 67 -28.39 20.32 0.01
C PHE D 67 -28.63 21.46 1.00
N SER D 68 -27.98 21.41 2.15
CA SER D 68 -28.06 22.48 3.13
C SER D 68 -26.70 22.67 3.78
N GLY D 69 -26.41 23.89 4.19
CA GLY D 69 -25.15 24.22 4.82
C GLY D 69 -25.37 24.84 6.19
N SER D 70 -24.50 24.49 7.13
CA SER D 70 -24.59 25.01 8.48
C SER D 70 -23.18 25.22 9.00
N GLY D 71 -23.05 25.97 10.09
CA GLY D 71 -21.74 26.10 10.69
C GLY D 71 -21.67 27.17 11.75
N SER D 72 -20.54 27.14 12.45
CA SER D 72 -20.18 28.13 13.45
C SER D 72 -19.19 29.12 12.85
N ASP D 73 -18.27 29.62 13.66
CA ASP D 73 -17.19 30.46 13.15
C ASP D 73 -16.08 29.65 12.50
N THR D 74 -15.86 28.42 12.95
CA THR D 74 -14.72 27.61 12.52
C THR D 74 -15.07 26.21 12.05
N ASP D 75 -16.29 25.74 12.27
CA ASP D 75 -16.70 24.38 11.94
C ASP D 75 -17.96 24.43 11.11
N PHE D 76 -17.93 23.78 9.94
CA PHE D 76 -18.99 23.86 8.95
C PHE D 76 -19.36 22.47 8.48
N THR D 77 -20.64 22.32 8.12
CA THR D 77 -21.20 21.04 7.71
C THR D 77 -22.03 21.23 6.45
N LEU D 78 -21.74 20.44 5.43
CA LEU D 78 -22.58 20.33 4.25
C LEU D 78 -23.39 19.04 4.38
N LYS D 79 -24.72 19.18 4.38
CA LYS D 79 -25.62 18.05 4.55
C LYS D 79 -26.43 17.81 3.28
N ILE D 80 -26.58 16.54 2.92
CA ILE D 80 -27.46 16.10 1.85
C ILE D 80 -28.52 15.20 2.48
N SER D 81 -29.79 15.63 2.40
CA SER D 81 -30.84 14.96 3.15
C SER D 81 -31.08 13.58 2.61
N ARG D 82 -31.12 13.44 1.33
CA ARG D 82 -31.22 12.10 0.81
C ARG D 82 -30.49 12.12 -0.54
N VAL D 83 -29.41 11.30 -0.60
CA VAL D 83 -28.38 11.28 -1.65
C VAL D 83 -28.88 10.57 -2.88
N GLU D 84 -28.59 11.13 -4.04
CA GLU D 84 -28.91 10.53 -5.33
C GLU D 84 -27.61 10.35 -6.10
N ALA D 85 -27.69 9.56 -7.18
CA ALA D 85 -26.50 9.19 -7.92
C ALA D 85 -25.79 10.42 -8.49
N GLU D 86 -26.56 11.44 -8.89
CA GLU D 86 -26.01 12.67 -9.45
C GLU D 86 -25.18 13.47 -8.44
N ASP D 87 -25.18 13.09 -7.17
CA ASP D 87 -24.43 13.84 -6.16
C ASP D 87 -22.97 13.41 -6.02
N VAL D 88 -22.54 12.37 -6.75
CA VAL D 88 -21.18 11.85 -6.59
C VAL D 88 -20.16 12.86 -7.11
N GLY D 89 -18.96 12.83 -6.55
CA GLY D 89 -17.93 13.76 -6.99
C GLY D 89 -17.14 14.26 -5.80
N VAL D 90 -16.33 15.30 -6.01
CA VAL D 90 -15.45 15.80 -4.95
C VAL D 90 -15.92 17.16 -4.50
N TYR D 91 -16.23 17.28 -3.22
CA TYR D 91 -16.66 18.54 -2.62
C TYR D 91 -15.47 19.24 -1.96
N TYR D 92 -15.42 20.56 -2.12
CA TYR D 92 -14.35 21.37 -1.56
C TYR D 92 -14.94 22.53 -0.78
N CYS D 93 -14.46 22.76 0.44
CA CYS D 93 -14.76 24.01 1.10
C CYS D 93 -13.63 25.01 0.85
N MET D 94 -13.97 26.29 0.90
CA MET D 94 -12.97 27.33 0.67
C MET D 94 -13.29 28.54 1.53
N GLN D 95 -12.27 29.07 2.20
CA GLN D 95 -12.40 30.29 2.99
C GLN D 95 -11.93 31.48 2.17
N PHE D 96 -12.56 32.60 2.41
CA PHE D 96 -12.18 33.83 1.79
C PHE D 96 -12.25 35.04 2.73
N VAL D 97 -11.98 34.81 3.99
CA VAL D 97 -11.93 35.87 4.94
C VAL D 97 -10.60 36.60 4.86
N GLU D 98 -9.59 35.96 4.31
CA GLU D 98 -8.26 36.55 4.27
C GLU D 98 -7.46 35.88 3.16
N PHE D 99 -6.50 36.64 2.57
CA PHE D 99 -5.54 36.09 1.63
C PHE D 99 -4.43 35.34 2.37
N PRO D 100 -3.90 34.25 1.77
CA PRO D 100 -4.36 33.67 0.52
C PRO D 100 -5.65 32.87 0.69
N LEU D 101 -6.43 32.78 -0.38
CA LEU D 101 -7.57 31.88 -0.36
C LEU D 101 -7.05 30.46 -0.21
N THR D 102 -7.71 29.68 0.65
CA THR D 102 -7.29 28.31 0.89
C THR D 102 -8.50 27.38 0.84
N PHE D 103 -8.25 26.17 0.33
CA PHE D 103 -9.26 25.15 0.15
C PHE D 103 -9.04 24.01 1.13
N GLY D 104 -10.12 23.36 1.53
CA GLY D 104 -10.01 22.07 2.15
C GLY D 104 -9.45 21.04 1.19
N GLY D 105 -9.08 19.89 1.74
CA GLY D 105 -8.44 18.87 0.93
C GLY D 105 -9.36 18.10 0.02
N GLY D 106 -10.66 18.29 0.15
CA GLY D 106 -11.64 17.63 -0.68
C GLY D 106 -12.21 16.38 -0.04
N THR D 107 -13.48 16.11 -0.34
CA THR D 107 -14.18 14.92 0.11
C THR D 107 -14.84 14.25 -1.10
N LYS D 108 -14.42 13.02 -1.41
CA LYS D 108 -14.98 12.30 -2.55
C LYS D 108 -16.19 11.51 -2.09
N VAL D 109 -17.38 11.87 -2.59
CA VAL D 109 -18.61 11.14 -2.32
C VAL D 109 -18.78 10.07 -3.37
N GLU D 110 -19.00 8.83 -2.89
CA GLU D 110 -19.17 7.63 -3.69
C GLU D 110 -20.41 6.87 -3.22
N ILE D 111 -20.96 6.05 -4.10
CA ILE D 111 -22.18 5.30 -3.79
C ILE D 111 -21.78 4.02 -3.05
N ARG D 112 -22.42 3.78 -1.91
CA ARG D 112 -22.26 2.53 -1.18
C ARG D 112 -23.24 1.51 -1.73
N ARG D 113 -22.72 0.35 -2.14
CA ARG D 113 -23.52 -0.78 -2.59
C ARG D 113 -23.14 -2.03 -1.81
N THR D 114 -23.79 -3.14 -2.15
CA THR D 114 -23.45 -4.43 -1.56
C THR D 114 -22.08 -4.90 -2.03
N VAL D 115 -21.48 -5.77 -1.23
CA VAL D 115 -20.15 -6.30 -1.55
C VAL D 115 -20.21 -7.10 -2.84
N ALA D 116 -19.21 -6.91 -3.69
CA ALA D 116 -19.12 -7.59 -4.97
C ALA D 116 -17.67 -8.03 -5.17
N ALA D 117 -17.47 -9.34 -5.33
CA ALA D 117 -16.12 -9.86 -5.51
C ALA D 117 -15.61 -9.56 -6.92
N PRO D 118 -14.33 -9.28 -7.07
CA PRO D 118 -13.78 -9.04 -8.42
C PRO D 118 -13.69 -10.31 -9.24
N SER D 119 -13.86 -10.15 -10.55
CA SER D 119 -13.44 -11.17 -11.51
C SER D 119 -11.97 -10.91 -11.86
N VAL D 120 -11.14 -11.95 -11.75
CA VAL D 120 -9.69 -11.77 -11.87
C VAL D 120 -9.20 -12.44 -13.13
N PHE D 121 -8.39 -11.72 -13.90
CA PHE D 121 -7.81 -12.22 -15.14
C PHE D 121 -6.33 -11.83 -15.19
N ILE D 122 -5.51 -12.69 -15.78
CA ILE D 122 -4.10 -12.38 -15.99
C ILE D 122 -3.80 -12.47 -17.47
N PHE D 123 -2.99 -11.54 -17.96
CA PHE D 123 -2.65 -11.43 -19.37
C PHE D 123 -1.14 -11.59 -19.51
N PRO D 124 -0.70 -12.70 -20.12
CA PRO D 124 0.71 -12.85 -20.43
C PRO D 124 1.10 -11.95 -21.59
N PRO D 125 2.32 -11.46 -21.61
CA PRO D 125 2.71 -10.53 -22.68
C PRO D 125 2.80 -11.21 -24.04
N SER D 126 2.47 -10.45 -25.08
CA SER D 126 2.71 -10.96 -26.41
C SER D 126 4.21 -10.95 -26.71
N GLU D 127 4.62 -11.78 -27.67
CA GLU D 127 6.05 -11.88 -27.97
C GLU D 127 6.64 -10.59 -28.55
N ASP D 128 5.84 -9.84 -29.30
CA ASP D 128 6.25 -8.50 -29.72
C ASP D 128 6.80 -7.71 -28.53
N GLN D 129 6.06 -7.77 -27.42
CA GLN D 129 6.45 -7.05 -26.22
C GLN D 129 7.81 -7.54 -25.71
N VAL D 130 8.06 -8.85 -25.75
CA VAL D 130 9.34 -9.38 -25.29
C VAL D 130 10.47 -8.94 -26.21
N LYS D 131 10.19 -8.79 -27.48
CA LYS D 131 11.24 -8.24 -28.33
C LYS D 131 11.42 -6.74 -28.13
N SER D 132 10.47 -6.08 -27.47
CA SER D 132 10.55 -4.63 -27.29
C SER D 132 11.64 -4.16 -26.32
N GLY D 133 12.17 -5.04 -25.46
CA GLY D 133 13.13 -4.65 -24.42
C GLY D 133 12.58 -4.71 -23.01
N THR D 134 11.28 -4.49 -22.84
CA THR D 134 10.61 -4.60 -21.54
C THR D 134 9.28 -5.31 -21.72
N VAL D 135 8.81 -5.91 -20.64
CA VAL D 135 7.62 -6.77 -20.66
C VAL D 135 6.66 -6.31 -19.57
N SER D 136 5.38 -6.26 -19.91
CA SER D 136 4.33 -5.90 -18.97
C SER D 136 3.32 -7.04 -18.88
N VAL D 137 3.17 -7.59 -17.67
CA VAL D 137 2.19 -8.63 -17.39
C VAL D 137 1.03 -7.96 -16.66
N VAL D 138 -0.19 -8.18 -17.14
CA VAL D 138 -1.32 -7.38 -16.64
C VAL D 138 -2.25 -8.27 -15.82
N CYS D 139 -2.66 -7.78 -14.65
CA CYS D 139 -3.65 -8.44 -13.81
C CYS D 139 -4.86 -7.52 -13.70
N LEU D 140 -6.03 -8.03 -14.07
CA LEU D 140 -7.26 -7.26 -14.07
C LEU D 140 -8.20 -7.75 -12.98
N LEU D 141 -8.70 -6.82 -12.18
CA LEU D 141 -9.76 -7.04 -11.20
C LEU D 141 -10.99 -6.29 -11.71
N ASN D 142 -12.03 -7.03 -12.07
CA ASN D 142 -13.18 -6.46 -12.77
C ASN D 142 -14.37 -6.38 -11.83
N ASN D 143 -14.92 -5.15 -11.70
CA ASN D 143 -16.26 -4.88 -11.18
C ASN D 143 -16.45 -5.39 -9.75
N PHE D 144 -15.75 -4.72 -8.82
CA PHE D 144 -15.80 -5.11 -7.42
C PHE D 144 -16.18 -3.93 -6.56
N TYR D 145 -16.64 -4.24 -5.33
CA TYR D 145 -16.96 -3.24 -4.32
C TYR D 145 -16.81 -3.89 -2.96
N PRO D 146 -16.20 -3.21 -1.97
CA PRO D 146 -15.68 -1.84 -2.02
C PRO D 146 -14.33 -1.72 -2.73
N ARG D 147 -13.79 -0.49 -2.73
CA ARG D 147 -12.60 -0.17 -3.49
C ARG D 147 -11.36 -0.90 -2.96
N GLU D 148 -11.27 -1.11 -1.65
CA GLU D 148 -10.05 -1.63 -1.07
C GLU D 148 -9.81 -3.06 -1.53
N ALA D 149 -8.59 -3.32 -2.01
CA ALA D 149 -8.20 -4.64 -2.49
C ALA D 149 -6.68 -4.70 -2.50
N SER D 150 -6.15 -5.91 -2.37
CA SER D 150 -4.72 -6.14 -2.37
C SER D 150 -4.34 -7.01 -3.56
N VAL D 151 -3.30 -6.61 -4.29
CA VAL D 151 -2.78 -7.35 -5.43
C VAL D 151 -1.30 -7.62 -5.19
N LYS D 152 -0.92 -8.89 -5.14
CA LYS D 152 0.45 -9.30 -4.90
C LYS D 152 0.98 -10.09 -6.10
N TRP D 153 2.20 -9.80 -6.51
CA TRP D 153 2.82 -10.48 -7.63
C TRP D 153 3.79 -11.54 -7.13
N LYS D 154 3.78 -12.69 -7.82
CA LYS D 154 4.69 -13.79 -7.52
C LYS D 154 5.37 -14.24 -8.80
N VAL D 155 6.70 -14.28 -8.75
CA VAL D 155 7.52 -14.72 -9.88
C VAL D 155 8.28 -15.96 -9.43
N ASP D 156 8.02 -17.07 -10.06
CA ASP D 156 8.59 -18.35 -9.69
C ASP D 156 8.33 -18.64 -8.25
N GLY D 157 7.12 -18.35 -7.79
CA GLY D 157 6.68 -18.68 -6.46
C GLY D 157 7.04 -17.72 -5.36
N ALA D 158 7.86 -16.70 -5.62
CA ALA D 158 8.28 -15.76 -4.59
C ALA D 158 7.66 -14.40 -4.87
N LEU D 159 7.24 -13.72 -3.80
CA LEU D 159 6.66 -12.40 -3.89
C LEU D 159 7.66 -11.41 -4.49
N LYS D 160 7.22 -10.64 -5.48
CA LYS D 160 8.05 -9.66 -6.15
C LYS D 160 7.43 -8.28 -5.97
N THR D 161 8.15 -7.38 -5.31
CA THR D 161 7.70 -6.03 -5.01
C THR D 161 8.58 -5.00 -5.71
N GLY D 162 7.99 -3.83 -6.00
CA GLY D 162 8.71 -2.72 -6.58
C GLY D 162 8.76 -2.64 -8.10
N ASN D 163 8.14 -3.56 -8.81
CA ASN D 163 8.11 -3.49 -10.27
C ASN D 163 6.70 -3.45 -10.82
N SER D 164 5.72 -3.06 -10.01
CA SER D 164 4.33 -3.06 -10.45
C SER D 164 3.67 -1.73 -10.09
N GLN D 165 2.65 -1.40 -10.88
CA GLN D 165 1.88 -0.18 -10.73
C GLN D 165 0.40 -0.49 -10.86
N GLU D 166 -0.43 0.27 -10.13
CA GLU D 166 -1.86 0.05 -10.08
C GLU D 166 -2.59 1.27 -10.65
N SER D 167 -3.73 1.00 -11.29
CA SER D 167 -4.62 2.04 -11.80
C SER D 167 -6.07 1.62 -11.58
N VAL D 168 -6.90 2.52 -11.09
CA VAL D 168 -8.29 2.22 -10.75
C VAL D 168 -9.21 3.15 -11.52
N THR D 169 -10.31 2.60 -12.03
CA THR D 169 -11.31 3.40 -12.70
C THR D 169 -12.13 4.21 -11.70
N GLU D 170 -12.85 5.20 -12.21
CA GLU D 170 -13.86 5.84 -11.39
C GLU D 170 -15.02 4.87 -11.17
N GLN D 171 -15.79 5.12 -10.10
CA GLN D 171 -16.93 4.26 -9.80
C GLN D 171 -17.88 4.22 -10.98
N ASP D 172 -18.27 3.01 -11.38
CA ASP D 172 -19.14 2.86 -12.53
C ASP D 172 -20.53 3.40 -12.21
N SER D 173 -21.05 4.29 -13.07
CA SER D 173 -22.32 4.94 -12.79
C SER D 173 -23.48 3.96 -12.73
N LYS D 174 -23.36 2.80 -13.37
CA LYS D 174 -24.48 1.88 -13.54
C LYS D 174 -24.58 0.83 -12.44
N ASP D 175 -23.46 0.15 -12.11
CA ASP D 175 -23.48 -0.86 -11.06
C ASP D 175 -22.68 -0.46 -9.82
N ASN D 176 -22.07 0.72 -9.82
CA ASN D 176 -21.38 1.29 -8.65
C ASN D 176 -20.15 0.49 -8.25
N THR D 177 -19.53 -0.23 -9.17
CA THR D 177 -18.31 -0.97 -8.86
C THR D 177 -17.08 -0.23 -9.36
N TYR D 178 -15.91 -0.75 -8.97
CA TYR D 178 -14.62 -0.31 -9.45
C TYR D 178 -13.96 -1.45 -10.21
N SER D 179 -13.02 -1.09 -11.09
CA SER D 179 -12.13 -2.05 -11.71
C SER D 179 -10.70 -1.55 -11.55
N LEU D 180 -9.76 -2.48 -11.54
CA LEU D 180 -8.38 -2.18 -11.21
C LEU D 180 -7.46 -2.97 -12.12
N SER D 181 -6.42 -2.31 -12.61
CA SER D 181 -5.36 -2.98 -13.32
C SER D 181 -4.08 -2.87 -12.51
N SER D 182 -3.36 -3.98 -12.41
CA SER D 182 -2.03 -4.02 -11.79
C SER D 182 -1.07 -4.57 -12.84
N THR D 183 -0.01 -3.83 -13.13
CA THR D 183 0.89 -4.15 -14.22
C THR D 183 2.29 -4.38 -13.63
N LEU D 184 2.83 -5.56 -13.88
CA LEU D 184 4.19 -5.90 -13.48
C LEU D 184 5.10 -5.69 -14.69
N THR D 185 6.09 -4.82 -14.56
CA THR D 185 7.01 -4.52 -15.65
C THR D 185 8.40 -5.03 -15.32
N LEU D 186 8.97 -5.79 -16.25
CA LEU D 186 10.27 -6.41 -16.07
C LEU D 186 11.10 -6.22 -17.33
N SER D 187 12.41 -6.30 -17.17
CA SER D 187 13.26 -6.40 -18.35
C SER D 187 13.04 -7.75 -19.03
N SER D 188 13.27 -7.78 -20.32
CA SER D 188 13.10 -8.97 -21.07
C SER D 188 14.00 -10.10 -20.60
N THR D 189 15.25 -9.88 -20.26
CA THR D 189 16.14 -10.93 -19.77
C THR D 189 15.67 -11.44 -18.42
N GLU D 190 15.19 -10.53 -17.60
CA GLU D 190 14.61 -10.97 -16.38
C GLU D 190 13.35 -11.77 -16.60
N TYR D 191 12.48 -11.30 -17.48
CA TYR D 191 11.23 -12.02 -17.77
C TYR D 191 11.52 -13.44 -18.25
N GLN D 192 12.48 -13.59 -19.16
CA GLN D 192 12.80 -14.89 -19.72
C GLN D 192 13.68 -15.73 -18.82
N SER D 193 14.22 -15.17 -17.74
CA SER D 193 14.94 -15.95 -16.75
C SER D 193 14.03 -16.51 -15.68
N HIS D 194 12.72 -16.51 -15.91
CA HIS D 194 11.70 -17.05 -14.99
C HIS D 194 10.56 -17.76 -15.68
N LYS D 195 10.05 -18.78 -15.04
CA LYS D 195 9.02 -19.59 -15.60
C LYS D 195 7.58 -19.33 -15.23
N VAL D 196 7.29 -19.03 -14.00
CA VAL D 196 5.93 -18.85 -13.52
C VAL D 196 5.59 -17.45 -13.08
N TYR D 197 4.51 -16.91 -13.58
CA TYR D 197 4.03 -15.58 -13.25
C TYR D 197 2.63 -15.62 -12.63
N ALA D 198 2.36 -14.96 -11.52
CA ALA D 198 1.06 -15.03 -10.87
C ALA D 198 0.71 -13.73 -10.18
N CYS D 199 -0.58 -13.42 -10.16
CA CYS D 199 -1.09 -12.37 -9.30
C CYS D 199 -2.13 -12.96 -8.35
N GLU D 200 -2.05 -12.53 -7.08
CA GLU D 200 -2.93 -12.98 -6.03
C GLU D 200 -3.73 -11.79 -5.51
N VAL D 201 -5.04 -11.97 -5.40
CA VAL D 201 -5.99 -10.90 -5.11
C VAL D 201 -6.66 -11.20 -3.78
N THR D 202 -6.63 -10.22 -2.90
CA THR D 202 -7.34 -10.26 -1.62
C THR D 202 -8.42 -9.18 -1.65
N HIS D 203 -9.64 -9.56 -1.29
CA HIS D 203 -10.78 -8.65 -1.29
C HIS D 203 -11.83 -9.23 -0.37
N GLN D 204 -12.60 -8.35 0.29
CA GLN D 204 -13.55 -8.81 1.29
C GLN D 204 -14.66 -9.66 0.69
N GLY D 205 -14.92 -9.53 -0.62
CA GLY D 205 -15.88 -10.40 -1.30
C GLY D 205 -15.40 -11.80 -1.58
N LEU D 206 -14.13 -12.09 -1.30
CA LEU D 206 -13.55 -13.40 -1.54
C LEU D 206 -13.26 -14.07 -0.20
N SER D 207 -13.66 -15.34 -0.06
CA SER D 207 -13.46 -16.05 1.20
C SER D 207 -11.98 -16.29 1.49
N SER D 208 -11.18 -16.45 0.45
CA SER D 208 -9.73 -16.56 0.55
C SER D 208 -9.15 -15.97 -0.73
N PRO D 209 -7.86 -15.62 -0.74
CA PRO D 209 -7.30 -14.94 -1.91
C PRO D 209 -7.39 -15.81 -3.16
N VAL D 210 -7.53 -15.12 -4.30
CA VAL D 210 -7.67 -15.77 -5.61
C VAL D 210 -6.36 -15.57 -6.36
N THR D 211 -5.81 -16.65 -6.92
CA THR D 211 -4.55 -16.58 -7.63
C THR D 211 -4.74 -16.96 -9.09
N LYS D 212 -4.25 -16.13 -9.99
CA LYS D 212 -4.24 -16.42 -11.42
C LYS D 212 -2.79 -16.43 -11.89
N SER D 213 -2.42 -17.48 -12.64
CA SER D 213 -1.03 -17.70 -12.99
C SER D 213 -0.92 -18.22 -14.42
N PHE D 214 0.28 -18.16 -14.95
CA PHE D 214 0.63 -18.70 -16.23
C PHE D 214 2.10 -19.12 -16.28
N ASN D 215 2.45 -19.97 -17.23
CA ASN D 215 3.82 -20.43 -17.44
C ASN D 215 4.31 -19.84 -18.69
N ARG D 216 5.41 -19.15 -18.58
CA ARG D 216 6.00 -18.51 -19.74
C ARG D 216 6.24 -19.49 -20.86
N GLY D 217 5.64 -19.26 -22.00
CA GLY D 217 5.83 -20.14 -23.14
C GLY D 217 5.02 -21.42 -23.04
N ALA E 1 -14.58 40.01 3.47
CA ALA E 1 -14.37 39.15 2.36
C ALA E 1 -13.32 39.65 1.45
N VAL E 2 -12.53 38.75 0.92
CA VAL E 2 -11.51 39.06 -0.04
C VAL E 2 -11.66 38.15 -1.26
N GLY E 3 -11.06 38.51 -2.36
CA GLY E 3 -11.10 37.67 -3.55
C GLY E 3 -12.45 37.51 -4.21
N ILE E 4 -13.33 38.49 -4.04
CA ILE E 4 -14.67 38.43 -4.64
C ILE E 4 -15.13 39.84 -4.92
N GLY E 5 -15.74 40.04 -6.10
CA GLY E 5 -16.23 41.34 -6.51
C GLY E 5 -17.65 41.61 -6.06
N ALA E 6 -18.23 42.65 -6.65
CA ALA E 6 -19.60 43.04 -6.33
C ALA E 6 -20.21 43.73 -7.54
N VAL E 7 -21.33 43.20 -8.03
CA VAL E 7 -22.03 43.77 -9.17
C VAL E 7 -23.45 44.10 -8.77
N PHE E 8 -23.90 45.29 -9.20
CA PHE E 8 -25.24 45.76 -8.88
C PHE E 8 -25.92 46.41 -10.09
N ALA F 1 16.04 -39.83 -3.57
CA ALA F 1 15.95 -38.69 -2.67
C ALA F 1 17.34 -38.18 -2.29
N VAL F 2 17.45 -36.88 -2.02
CA VAL F 2 18.72 -36.27 -1.65
C VAL F 2 18.52 -35.50 -0.35
N GLY F 3 19.64 -35.22 0.31
CA GLY F 3 19.61 -34.39 1.50
C GLY F 3 18.93 -35.01 2.71
N ILE F 4 18.91 -36.33 2.78
CA ILE F 4 18.25 -37.03 3.89
C ILE F 4 19.01 -38.33 4.14
N GLY F 5 19.21 -38.64 5.42
CA GLY F 5 19.95 -39.82 5.81
C GLY F 5 19.07 -41.04 5.91
N ALA F 6 19.63 -42.09 6.51
CA ALA F 6 18.94 -43.37 6.68
C ALA F 6 19.53 -44.06 7.90
N VAL F 7 18.68 -44.39 8.88
CA VAL F 7 19.10 -45.08 10.10
C VAL F 7 18.34 -46.39 10.22
N PHE F 8 19.05 -47.44 10.66
CA PHE F 8 18.48 -48.78 10.74
C PHE F 8 18.72 -49.42 12.10
#